data_9L22
#
_entry.id   9L22
#
_cell.length_a   1.00
_cell.length_b   1.00
_cell.length_c   1.00
_cell.angle_alpha   90.00
_cell.angle_beta   90.00
_cell.angle_gamma   90.00
#
_symmetry.space_group_name_H-M   'P 1'
#
loop_
_entity.id
_entity.type
_entity.pdbx_description
1 polymer 'Histone H3.3'
2 polymer 'Histone H4'
3 polymer 'Histone H2A type 1-B/E'
4 polymer 'Histone H2B type 1-J'
5 polymer '601 DNA_R (189-MER)'
6 polymer '601 DNA (189-MER)'
7 polymer 'Protein DEK'
8 non-polymer 'UNKNOWN ATOM OR ION'
#
loop_
_entity_poly.entity_id
_entity_poly.type
_entity_poly.pdbx_seq_one_letter_code
_entity_poly.pdbx_strand_id
1 'polypeptide(L)'
;ARTKQTARKSTGGKAPRKQLATKAARKSAPSTGGVKKPHRYRPGTVALREIRRYQKSTELLIRKLPFQRLVREIAQDFKT
DLRFQSAAIGALQEASEAYLVGLFEDTNLCAIHAKRVTIMPKDIQLARRIRGERA
;
A,E
2 'polypeptide(L)'
;SGRGKGGKGLGKGGAKRHRKVLRDNIQGITKPAIRRLARRGGVKRISGLIYEETRGVLKVFLENVIRDAVTYTEHAKRKT
VTAMDVVYALKRQGRTLYGFGG
;
B,F
3 'polypeptide(L)'
;SGRGKQGGKARAKAKTRSSRAGLQFPVGRVHRLLRKGNYSERVGAGAPVYLAAVLEYLTAEILELAGNAARDNKKTRIIP
RHLQLAIRNDEELNKLLGRVTIAQGGVLPNIQAVLLPKKTESHHKAKGK
;
C,G
4 'polypeptide(L)'
;PEPAKSAPAPKKGSKKAVTKAQKKDGKKRKRSRKESYSIYVYKVLKQVHPDTGISSKAMGIMNSFVNDIFERIAGEASRL
AHYNKRSTITSREIQTAVRLLLPGELAKHAVSEGTKAVTKYTSAK
;
D,H
5 'polydeoxyribonucleotide'
;(DA)(DT)(DC)(DA)(DG)(DC)(DG)(DA)(DC)(DA)(DC)(DC)(DG)(DG)(DC)(DA)(DC)(DT)(DG)(DG)
(DA)(DA)(DT)(DC)(DG)(DG)(DA)(DT)(DG)(DT)(DA)(DT)(DA)(DT)(DA)(DT)(DC)(DT)(DG)(DA)
(DC)(DA)(DC)(DG)(DT)(DG)(DC)(DC)(DT)(DG)(DG)(DA)(DG)(DA)(DC)(DT)(DA)(DG)(DG)(DG)
(DA)(DG)(DT)(DA)(DA)(DT)(DC)(DC)(DC)(DC)(DT)(DT)(DG)(DG)(DC)(DG)(DG)(DT)(DT)(DA)
(DA)(DA)(DA)(DC)(DG)(DC)(DG)(DG)(DG)(DG)(DG)(DA)(DC)(DA)(DG)(DC)(DG)(DC)(DG)(DT)
(DA)(DC)(DG)(DT)(DG)(DC)(DG)(DT)(DT)(DT)(DA)(DA)(DG)(DC)(DG)(DG)(DT)(DG)(DC)(DT)
(DA)(DG)(DA)(DG)(DC)(DT)(DG)(DT)(DC)(DT)(DA)(DC)(DG)(DA)(DC)(DC)(DA)(DA)(DT)(DT)
(DG)(DA)(DG)(DC)(DG)(DG)(DC)(DC)(DT)(DC)(DG)(DG)(DC)(DA)(DC)(DC)(DG)(DG)(DG)(DA)
(DT)(DT)(DC)(DT)(DC)(DG)(DA)(DT)(DG)(DG)(DC)(DA)(DT)(DC)(DC)(DG)(DG)(DC)(DA)(DT)
(DC)(DA)(DC)(DC)(DC)(DG)(DG)(DA)(DT)
;
I
6 'polydeoxyribonucleotide'
;(DA)(DT)(DC)(DC)(DG)(DG)(DG)(DT)(DG)(DA)(DT)(DG)(DC)(DC)(DG)(DG)(DA)(DT)(DG)(DC)
(DC)(DA)(DT)(DC)(DG)(DA)(DG)(DA)(DA)(DT)(DC)(DC)(DC)(DG)(DG)(DT)(DG)(DC)(DC)(DG)
(DA)(DG)(DG)(DC)(DC)(DG)(DC)(DT)(DC)(DA)(DA)(DT)(DT)(DG)(DG)(DT)(DC)(DG)(DT)(DA)
(DG)(DA)(DC)(DA)(DG)(DC)(DT)(DC)(DT)(DA)(DG)(DC)(DA)(DC)(DC)(DG)(DC)(DT)(DT)(DA)
(DA)(DA)(DC)(DG)(DC)(DA)(DC)(DG)(DT)(DA)(DC)(DG)(DC)(DG)(DC)(DT)(DG)(DT)(DC)(DC)
(DC)(DC)(DC)(DG)(DC)(DG)(DT)(DT)(DT)(DT)(DA)(DA)(DC)(DC)(DG)(DC)(DC)(DA)(DA)(DG)
(DG)(DG)(DG)(DA)(DT)(DT)(DA)(DC)(DT)(DC)(DC)(DC)(DT)(DA)(DG)(DT)(DC)(DT)(DC)(DC)
(DA)(DG)(DG)(DC)(DA)(DC)(DG)(DT)(DG)(DT)(DC)(DA)(DG)(DA)(DT)(DA)(DT)(DA)(DT)(DA)
(DC)(DA)(DT)(DC)(DC)(DG)(DA)(DT)(DT)(DC)(DC)(DA)(DG)(DT)(DG)(DC)(DC)(DG)(DG)(DT)
(DG)(DT)(DC)(DG)(DC)(DT)(DG)(DA)(DT)
;
J
7 'polypeptide(L)'
;MSASAPAAEGEGTPTQPASEKEPEMPGPREESEEEEDEDDEEEEEEEKEKSLIVEGKREKKKVERLTMQVSSLQREPFTI
AQGKGQKLCEIERIHFFLSKKKTDELRNLHKLLYNRPGTVSSLKKNVGQFSGFPFEKGSVQYKKKEEMLKKFRNAMLKSI
CEVLDLERSGVNSELVKRILNFLMHPKPSGKPLPKSKKTCSKGSKKERNSSGMARKAKRTKCPEILSDESSSDEDEKKNK
EESSDDEDKESEEEPPKKTAKREKPKQKATSKSKKSVKSANVKKADSSTTKKNQNSSKKESESEDSSDDEPLIKKLKKPP
TDEELKETIKKLLASANLEEVTMKQICKKVYENYPTYDLTERKDFIKTTVKELIS
;
K,L
#
loop_
_chem_comp.id
_chem_comp.type
_chem_comp.name
_chem_comp.formula
DA DNA linking 2'-DEOXYADENOSINE-5'-MONOPHOSPHATE 'C10 H14 N5 O6 P'
DC DNA linking 2'-DEOXYCYTIDINE-5'-MONOPHOSPHATE 'C9 H14 N3 O7 P'
DG DNA linking 2'-DEOXYGUANOSINE-5'-MONOPHOSPHATE 'C10 H14 N5 O7 P'
DT DNA linking THYMIDINE-5'-MONOPHOSPHATE 'C10 H15 N2 O8 P'
UNX non-polymer 'UNKNOWN ATOM OR ION' ?
#
# COMPACT_ATOMS: atom_id res chain seq x y z
N PRO A 38 -29.90 -36.18 -0.10
CA PRO A 38 -29.61 -34.93 -0.79
C PRO A 38 -28.12 -34.61 -0.84
N HIS A 39 -27.60 -34.36 -2.05
CA HIS A 39 -26.20 -34.03 -2.19
C HIS A 39 -25.91 -32.66 -1.61
N ARG A 40 -24.81 -32.56 -0.87
CA ARG A 40 -24.39 -31.30 -0.26
C ARG A 40 -22.87 -31.21 -0.29
N TYR A 41 -22.37 -30.03 -0.64
CA TYR A 41 -20.95 -29.77 -0.77
C TYR A 41 -20.41 -29.15 0.52
N ARG A 42 -19.15 -29.45 0.82
CA ARG A 42 -18.51 -28.82 1.96
C ARG A 42 -18.27 -27.34 1.69
N PRO A 43 -18.32 -26.50 2.72
CA PRO A 43 -18.08 -25.06 2.52
C PRO A 43 -16.67 -24.81 1.99
N GLY A 44 -16.59 -24.16 0.83
CA GLY A 44 -15.31 -23.81 0.25
C GLY A 44 -15.15 -24.23 -1.20
N THR A 45 -15.76 -25.34 -1.59
CA THR A 45 -15.59 -25.85 -2.95
C THR A 45 -16.27 -24.94 -3.97
N VAL A 46 -17.51 -24.55 -3.69
CA VAL A 46 -18.27 -23.72 -4.64
C VAL A 46 -17.60 -22.37 -4.79
N ALA A 47 -17.01 -21.84 -3.71
CA ALA A 47 -16.30 -20.57 -3.81
C ALA A 47 -15.13 -20.67 -4.77
N LEU A 48 -14.34 -21.75 -4.67
CA LEU A 48 -13.22 -21.92 -5.60
C LEU A 48 -13.71 -22.11 -7.03
N ARG A 49 -14.81 -22.85 -7.21
CA ARG A 49 -15.36 -23.02 -8.55
C ARG A 49 -15.78 -21.68 -9.14
N GLU A 50 -16.44 -20.83 -8.35
CA GLU A 50 -16.83 -19.52 -8.85
C GLU A 50 -15.63 -18.64 -9.13
N ILE A 51 -14.58 -18.76 -8.31
CA ILE A 51 -13.35 -17.98 -8.57
C ILE A 51 -12.78 -18.37 -9.93
N ARG A 52 -12.69 -19.68 -10.18
CA ARG A 52 -12.16 -20.13 -11.46
C ARG A 52 -13.05 -19.69 -12.62
N ARG A 53 -14.37 -19.75 -12.42
CA ARG A 53 -15.28 -19.37 -13.50
C ARG A 53 -15.15 -17.89 -13.83
N TYR A 54 -15.11 -17.03 -12.83
CA TYR A 54 -15.14 -15.60 -13.04
C TYR A 54 -13.76 -14.99 -13.32
N GLN A 55 -12.69 -15.74 -13.10
CA GLN A 55 -11.36 -15.28 -13.50
C GLN A 55 -11.04 -15.60 -14.95
N LYS A 56 -11.94 -16.26 -15.65
CA LYS A 56 -11.71 -16.67 -17.03
C LYS A 56 -12.57 -15.91 -18.04
N SER A 57 -13.72 -15.40 -17.63
CA SER A 57 -14.59 -14.65 -18.53
C SER A 57 -14.34 -13.16 -18.38
N THR A 58 -14.98 -12.35 -19.23
CA THR A 58 -14.70 -10.93 -19.27
C THR A 58 -15.95 -10.05 -19.33
N GLU A 59 -17.14 -10.59 -19.11
CA GLU A 59 -18.34 -9.77 -19.16
C GLU A 59 -18.47 -8.92 -17.91
N LEU A 60 -19.33 -7.92 -17.99
CA LEU A 60 -19.57 -7.06 -16.84
C LEU A 60 -20.42 -7.78 -15.80
N LEU A 61 -20.19 -7.45 -14.53
CA LEU A 61 -20.82 -8.15 -13.42
C LEU A 61 -21.92 -7.35 -12.73
N ILE A 62 -22.02 -6.05 -12.98
CA ILE A 62 -23.07 -5.21 -12.42
C ILE A 62 -24.10 -4.95 -13.51
N ARG A 63 -25.37 -5.13 -13.18
CA ARG A 63 -26.43 -4.91 -14.16
C ARG A 63 -26.45 -3.45 -14.60
N LYS A 64 -26.80 -3.22 -15.86
CA LYS A 64 -26.63 -1.90 -16.46
C LYS A 64 -27.60 -0.88 -15.90
N LEU A 65 -28.88 -1.24 -15.76
CA LEU A 65 -29.88 -0.26 -15.38
C LEU A 65 -29.69 0.32 -13.98
N PRO A 66 -29.45 -0.48 -12.93
CA PRO A 66 -29.20 0.15 -11.62
C PRO A 66 -27.97 1.05 -11.62
N PHE A 67 -26.92 0.67 -12.33
CA PHE A 67 -25.74 1.53 -12.42
C PHE A 67 -26.07 2.83 -13.13
N GLN A 68 -26.86 2.76 -14.20
CA GLN A 68 -27.28 3.97 -14.90
C GLN A 68 -28.06 4.89 -13.98
N ARG A 69 -28.99 4.32 -13.20
CA ARG A 69 -29.77 5.13 -12.28
C ARG A 69 -28.87 5.78 -11.23
N LEU A 70 -27.89 5.03 -10.72
CA LEU A 70 -26.97 5.59 -9.74
C LEU A 70 -26.16 6.74 -10.33
N VAL A 71 -25.67 6.57 -11.56
CA VAL A 71 -24.88 7.62 -12.19
C VAL A 71 -25.71 8.88 -12.39
N ARG A 72 -26.95 8.72 -12.85
CA ARG A 72 -27.80 9.89 -13.05
C ARG A 72 -28.10 10.58 -11.73
N GLU A 73 -28.39 9.81 -10.67
CA GLU A 73 -28.66 10.43 -9.38
C GLU A 73 -27.45 11.20 -8.88
N ILE A 74 -26.25 10.63 -9.03
CA ILE A 74 -25.05 11.33 -8.57
C ILE A 74 -24.83 12.60 -9.37
N ALA A 75 -25.00 12.53 -10.69
CA ALA A 75 -24.76 13.70 -11.54
C ALA A 75 -25.85 14.76 -11.41
N GLN A 76 -26.99 14.43 -10.79
CA GLN A 76 -28.03 15.42 -10.57
C GLN A 76 -27.50 16.59 -9.74
N ASP A 77 -26.73 16.30 -8.69
CA ASP A 77 -26.34 17.34 -7.74
C ASP A 77 -25.53 18.45 -8.41
N PHE A 78 -24.63 18.08 -9.32
CA PHE A 78 -23.75 19.08 -9.92
C PHE A 78 -24.45 19.92 -10.96
N LYS A 79 -25.39 19.34 -11.71
CA LYS A 79 -26.16 20.11 -12.68
C LYS A 79 -27.48 19.39 -12.94
N THR A 80 -28.51 20.17 -13.23
CA THR A 80 -29.82 19.62 -13.53
C THR A 80 -29.93 19.27 -15.00
N ASP A 81 -30.99 18.51 -15.32
CA ASP A 81 -31.38 18.14 -16.67
C ASP A 81 -30.24 17.71 -17.59
N LEU A 82 -29.23 17.06 -17.03
CA LEU A 82 -28.11 16.59 -17.83
C LEU A 82 -28.51 15.41 -18.70
N ARG A 83 -27.77 15.21 -19.78
CA ARG A 83 -27.99 14.11 -20.69
C ARG A 83 -26.70 13.32 -20.88
N PHE A 84 -26.82 12.01 -20.99
CA PHE A 84 -25.67 11.11 -21.04
C PHE A 84 -25.74 10.27 -22.30
N GLN A 85 -24.62 10.19 -23.01
CA GLN A 85 -24.48 9.21 -24.08
C GLN A 85 -24.25 7.82 -23.49
N SER A 86 -24.61 6.80 -24.27
CA SER A 86 -24.47 5.43 -23.79
C SER A 86 -23.00 5.07 -23.58
N ALA A 87 -22.12 5.54 -24.46
CA ALA A 87 -20.70 5.22 -24.33
C ALA A 87 -20.12 5.78 -23.03
N ALA A 88 -20.61 6.94 -22.57
CA ALA A 88 -20.11 7.49 -21.32
C ALA A 88 -20.43 6.58 -20.15
N ILE A 89 -21.66 6.07 -20.09
CA ILE A 89 -22.03 5.16 -19.01
C ILE A 89 -21.23 3.87 -19.12
N GLY A 90 -21.02 3.38 -20.34
CA GLY A 90 -20.19 2.19 -20.51
C GLY A 90 -18.78 2.39 -19.97
N ALA A 91 -18.17 3.53 -20.29
CA ALA A 91 -16.82 3.81 -19.81
C ALA A 91 -16.79 3.92 -18.29
N LEU A 92 -17.79 4.57 -17.71
CA LEU A 92 -17.84 4.68 -16.25
C LEU A 92 -17.95 3.30 -15.61
N GLN A 93 -18.78 2.42 -16.19
CA GLN A 93 -18.93 1.08 -15.63
C GLN A 93 -17.63 0.30 -15.71
N GLU A 94 -16.94 0.37 -16.85
CA GLU A 94 -15.67 -0.35 -16.99
C GLU A 94 -14.65 0.15 -15.96
N ALA A 95 -14.56 1.47 -15.81
CA ALA A 95 -13.62 2.03 -14.84
C ALA A 95 -13.94 1.59 -13.42
N SER A 96 -15.23 1.64 -13.05
CA SER A 96 -15.61 1.26 -11.70
C SER A 96 -15.32 -0.21 -11.42
N GLU A 97 -15.62 -1.10 -12.38
CA GLU A 97 -15.35 -2.51 -12.17
C GLU A 97 -13.86 -2.77 -12.02
N ALA A 98 -13.04 -2.15 -12.87
CA ALA A 98 -11.58 -2.35 -12.74
C ALA A 98 -11.08 -1.85 -11.39
N TYR A 99 -11.56 -0.69 -10.95
CA TYR A 99 -11.11 -0.14 -9.68
C TYR A 99 -11.48 -1.06 -8.52
N LEU A 100 -12.72 -1.55 -8.52
CA LEU A 100 -13.15 -2.44 -7.43
C LEU A 100 -12.36 -3.73 -7.43
N VAL A 101 -12.08 -4.29 -8.61
CA VAL A 101 -11.31 -5.53 -8.68
C VAL A 101 -9.91 -5.32 -8.10
N GLY A 102 -9.25 -4.23 -8.48
CA GLY A 102 -7.94 -3.94 -7.93
C GLY A 102 -7.97 -3.77 -6.42
N LEU A 103 -8.97 -3.04 -5.92
CA LEU A 103 -9.09 -2.84 -4.48
C LEU A 103 -9.28 -4.17 -3.75
N PHE A 104 -10.09 -5.07 -4.33
CA PHE A 104 -10.32 -6.35 -3.67
C PHE A 104 -9.08 -7.23 -3.71
N GLU A 105 -8.29 -7.16 -4.77
CA GLU A 105 -7.01 -7.89 -4.79
C GLU A 105 -6.10 -7.40 -3.66
N ASP A 106 -5.98 -6.08 -3.51
CA ASP A 106 -5.14 -5.55 -2.44
C ASP A 106 -5.67 -5.94 -1.07
N THR A 107 -7.00 -5.90 -0.90
CA THR A 107 -7.61 -6.30 0.37
C THR A 107 -7.32 -7.76 0.68
N ASN A 108 -7.38 -8.63 -0.33
CA ASN A 108 -7.07 -10.03 -0.12
C ASN A 108 -5.63 -10.21 0.33
N LEU A 109 -4.70 -9.48 -0.29
CA LEU A 109 -3.31 -9.55 0.15
C LEU A 109 -3.19 -9.13 1.62
N CYS A 110 -3.84 -8.02 1.99
CA CYS A 110 -3.77 -7.56 3.37
C CYS A 110 -4.33 -8.60 4.33
N ALA A 111 -5.47 -9.19 4.00
CA ALA A 111 -6.10 -10.15 4.90
C ALA A 111 -5.26 -11.40 5.04
N ILE A 112 -4.66 -11.88 3.95
CA ILE A 112 -3.81 -13.05 4.04
C ILE A 112 -2.57 -12.76 4.87
N HIS A 113 -2.04 -11.54 4.79
CA HIS A 113 -0.87 -11.18 5.59
C HIS A 113 -1.13 -11.35 7.08
N ALA A 114 -2.36 -11.16 7.53
CA ALA A 114 -2.69 -11.24 8.94
C ALA A 114 -3.12 -12.63 9.37
N LYS A 115 -2.75 -13.66 8.62
CA LYS A 115 -3.06 -15.05 8.93
C LYS A 115 -4.56 -15.28 9.06
N ARG A 116 -5.29 -14.90 8.00
CA ARG A 116 -6.72 -15.10 7.92
C ARG A 116 -7.08 -15.43 6.47
N VAL A 117 -8.32 -15.86 6.27
CA VAL A 117 -8.84 -16.11 4.92
C VAL A 117 -10.04 -15.27 4.58
N THR A 118 -10.68 -14.61 5.55
CA THR A 118 -11.82 -13.75 5.30
C THR A 118 -11.36 -12.29 5.28
N ILE A 119 -11.96 -11.50 4.42
CA ILE A 119 -11.63 -10.09 4.31
C ILE A 119 -12.58 -9.30 5.20
N MET A 120 -12.06 -8.25 5.82
CA MET A 120 -12.78 -7.41 6.76
C MET A 120 -12.58 -5.95 6.39
N PRO A 121 -13.46 -5.07 6.88
CA PRO A 121 -13.30 -3.64 6.55
C PRO A 121 -11.96 -3.05 6.95
N LYS A 122 -11.33 -3.57 8.00
CA LYS A 122 -10.02 -3.06 8.40
C LYS A 122 -9.00 -3.27 7.28
N ASP A 123 -9.13 -4.37 6.54
CA ASP A 123 -8.22 -4.61 5.42
C ASP A 123 -8.41 -3.57 4.32
N ILE A 124 -9.66 -3.22 4.02
CA ILE A 124 -9.92 -2.19 3.02
C ILE A 124 -9.34 -0.85 3.48
N GLN A 125 -9.53 -0.53 4.76
CA GLN A 125 -8.99 0.72 5.28
C GLN A 125 -7.47 0.76 5.18
N LEU A 126 -6.81 -0.34 5.54
CA LEU A 126 -5.35 -0.38 5.45
C LEU A 126 -4.88 -0.26 4.01
N ALA A 127 -5.54 -0.95 3.08
CA ALA A 127 -5.15 -0.87 1.68
C ALA A 127 -5.30 0.55 1.16
N ARG A 128 -6.42 1.21 1.47
CA ARG A 128 -6.62 2.58 1.02
C ARG A 128 -5.64 3.54 1.68
N ARG A 129 -5.24 3.27 2.92
CA ARG A 129 -4.24 4.12 3.56
C ARG A 129 -2.88 3.98 2.91
N ILE A 130 -2.46 2.75 2.63
CA ILE A 130 -1.13 2.55 2.05
C ILE A 130 -1.09 3.06 0.61
N ARG A 131 -2.15 2.82 -0.15
CA ARG A 131 -2.15 3.24 -1.55
C ARG A 131 -2.05 4.74 -1.72
N GLY A 132 -2.37 5.51 -0.70
CA GLY A 132 -2.30 6.95 -0.76
C GLY A 132 -3.61 7.67 -0.98
N GLU A 133 -4.73 6.95 -0.98
CA GLU A 133 -6.04 7.56 -1.16
C GLU A 133 -6.62 8.08 0.14
N ARG A 134 -5.86 8.03 1.23
CA ARG A 134 -6.31 8.49 2.53
C ARG A 134 -5.21 9.32 3.18
N ALA A 135 -5.61 10.22 4.06
CA ALA A 135 -4.65 11.04 4.78
C ALA A 135 -4.05 10.26 5.94
N LEU B 22 -34.72 11.19 -8.04
CA LEU B 22 -34.26 9.82 -7.87
C LEU B 22 -33.59 9.68 -6.51
N ARG B 23 -34.10 8.76 -5.68
CA ARG B 23 -33.63 8.61 -4.30
C ARG B 23 -33.32 7.15 -4.01
N ASP B 24 -32.32 6.94 -3.17
CA ASP B 24 -31.94 5.61 -2.68
C ASP B 24 -31.60 4.67 -3.84
N ASN B 25 -30.67 5.10 -4.69
CA ASN B 25 -30.22 4.28 -5.80
C ASN B 25 -28.95 3.49 -5.49
N ILE B 26 -28.31 3.74 -4.35
CA ILE B 26 -27.13 2.98 -3.99
C ILE B 26 -27.47 1.54 -3.65
N GLN B 27 -28.74 1.26 -3.35
CA GLN B 27 -29.17 -0.11 -3.10
C GLN B 27 -29.22 -0.94 -4.37
N GLY B 28 -29.07 -0.31 -5.55
CA GLY B 28 -29.05 -1.06 -6.79
C GLY B 28 -27.84 -1.96 -6.95
N ILE B 29 -26.74 -1.64 -6.27
CA ILE B 29 -25.56 -2.50 -6.28
C ILE B 29 -25.81 -3.64 -5.30
N THR B 30 -26.38 -4.73 -5.79
CA THR B 30 -26.84 -5.80 -4.93
C THR B 30 -25.68 -6.57 -4.32
N LYS B 31 -25.98 -7.29 -3.24
CA LYS B 31 -24.96 -8.11 -2.59
C LYS B 31 -24.36 -9.17 -3.52
N PRO B 32 -25.14 -9.91 -4.32
CA PRO B 32 -24.49 -10.86 -5.25
C PRO B 32 -23.53 -10.20 -6.23
N ALA B 33 -23.79 -8.96 -6.66
CA ALA B 33 -22.87 -8.29 -7.56
C ALA B 33 -21.52 -8.04 -6.88
N ILE B 34 -21.55 -7.59 -5.63
CA ILE B 34 -20.31 -7.40 -4.89
C ILE B 34 -19.61 -8.73 -4.67
N ARG B 35 -20.39 -9.79 -4.41
CA ARG B 35 -19.78 -11.11 -4.26
C ARG B 35 -19.06 -11.54 -5.52
N ARG B 36 -19.68 -11.33 -6.69
CA ARG B 36 -19.03 -11.68 -7.94
C ARG B 36 -17.77 -10.86 -8.17
N LEU B 37 -17.84 -9.55 -7.90
CA LEU B 37 -16.66 -8.71 -8.06
C LEU B 37 -15.52 -9.17 -7.18
N ALA B 38 -15.83 -9.56 -5.93
CA ALA B 38 -14.80 -10.10 -5.06
C ALA B 38 -14.26 -11.42 -5.58
N ARG B 39 -15.13 -12.28 -6.10
CA ARG B 39 -14.68 -13.56 -6.62
C ARG B 39 -13.74 -13.38 -7.81
N ARG B 40 -13.95 -12.35 -8.61
CA ARG B 40 -13.00 -12.08 -9.69
C ARG B 40 -11.62 -11.76 -9.15
N GLY B 41 -11.54 -11.13 -7.98
CA GLY B 41 -10.26 -10.78 -7.38
C GLY B 41 -9.59 -11.89 -6.59
N GLY B 42 -10.25 -13.02 -6.42
CA GLY B 42 -9.66 -14.16 -5.73
C GLY B 42 -10.05 -14.33 -4.28
N VAL B 43 -11.07 -13.61 -3.80
CA VAL B 43 -11.48 -13.70 -2.40
C VAL B 43 -12.26 -14.99 -2.19
N LYS B 44 -11.96 -15.69 -1.09
CA LYS B 44 -12.59 -16.96 -0.78
C LYS B 44 -13.71 -16.85 0.26
N ARG B 45 -13.58 -15.95 1.23
CA ARG B 45 -14.58 -15.77 2.27
C ARG B 45 -14.81 -14.29 2.48
N ILE B 46 -16.07 -13.91 2.71
CA ILE B 46 -16.47 -12.52 2.79
C ILE B 46 -17.21 -12.28 4.09
N SER B 47 -16.87 -11.19 4.78
CA SER B 47 -17.53 -10.82 6.01
C SER B 47 -18.93 -10.28 5.71
N GLY B 48 -19.66 -9.91 6.76
CA GLY B 48 -21.01 -9.43 6.61
C GLY B 48 -21.15 -7.93 6.49
N LEU B 49 -20.12 -7.19 6.89
CA LEU B 49 -20.16 -5.74 6.88
C LEU B 49 -19.38 -5.13 5.72
N ILE B 50 -18.92 -5.96 4.78
CA ILE B 50 -18.13 -5.46 3.67
C ILE B 50 -18.98 -4.61 2.73
N TYR B 51 -20.25 -4.97 2.56
CA TYR B 51 -21.06 -4.38 1.50
C TYR B 51 -21.28 -2.89 1.69
N GLU B 52 -21.51 -2.45 2.94
CA GLU B 52 -21.67 -1.02 3.19
C GLU B 52 -20.42 -0.24 2.83
N GLU B 53 -19.25 -0.75 3.24
CA GLU B 53 -18.00 -0.08 2.91
C GLU B 53 -17.76 -0.04 1.40
N THR B 54 -18.07 -1.14 0.71
CA THR B 54 -17.91 -1.15 -0.74
C THR B 54 -18.81 -0.12 -1.40
N ARG B 55 -20.06 -0.02 -0.95
CA ARG B 55 -20.96 0.98 -1.51
C ARG B 55 -20.44 2.39 -1.27
N GLY B 56 -19.93 2.67 -0.07
CA GLY B 56 -19.38 3.99 0.19
C GLY B 56 -18.19 4.32 -0.70
N VAL B 57 -17.28 3.36 -0.86
CA VAL B 57 -16.09 3.58 -1.70
C VAL B 57 -16.50 3.85 -3.14
N LEU B 58 -17.41 3.03 -3.67
CA LEU B 58 -17.86 3.22 -5.05
C LEU B 58 -18.54 4.57 -5.22
N LYS B 59 -19.36 4.97 -4.25
CA LYS B 59 -20.03 6.27 -4.35
C LYS B 59 -19.02 7.40 -4.39
N VAL B 60 -17.98 7.34 -3.55
CA VAL B 60 -16.99 8.42 -3.53
C VAL B 60 -16.26 8.49 -4.87
N PHE B 61 -15.85 7.33 -5.39
CA PHE B 61 -15.11 7.32 -6.66
C PHE B 61 -15.98 7.88 -7.79
N LEU B 62 -17.24 7.45 -7.85
CA LEU B 62 -18.13 7.94 -8.89
C LEU B 62 -18.36 9.44 -8.75
N GLU B 63 -18.50 9.93 -7.51
CA GLU B 63 -18.70 11.36 -7.31
C GLU B 63 -17.54 12.15 -7.87
N ASN B 64 -16.30 11.73 -7.58
CA ASN B 64 -15.14 12.47 -8.07
C ASN B 64 -15.10 12.46 -9.59
N VAL B 65 -15.25 11.29 -10.21
CA VAL B 65 -15.13 11.20 -11.67
C VAL B 65 -16.24 12.01 -12.33
N ILE B 66 -17.47 11.91 -11.82
CA ILE B 66 -18.60 12.61 -12.42
C ILE B 66 -18.43 14.12 -12.27
N ARG B 67 -17.91 14.58 -11.13
CA ARG B 67 -17.69 16.00 -10.96
C ARG B 67 -16.70 16.52 -11.99
N ASP B 68 -15.60 15.80 -12.19
CA ASP B 68 -14.62 16.25 -13.19
C ASP B 68 -15.21 16.25 -14.59
N ALA B 69 -15.97 15.20 -14.94
CA ALA B 69 -16.55 15.14 -16.27
C ALA B 69 -17.56 16.25 -16.50
N VAL B 70 -18.35 16.57 -15.46
CA VAL B 70 -19.34 17.63 -15.59
C VAL B 70 -18.66 18.98 -15.76
N THR B 71 -17.55 19.22 -15.05
CA THR B 71 -16.79 20.44 -15.28
C THR B 71 -16.30 20.52 -16.72
N TYR B 72 -15.75 19.40 -17.22
CA TYR B 72 -15.22 19.39 -18.58
C TYR B 72 -16.31 19.69 -19.60
N THR B 73 -17.50 19.12 -19.42
CA THR B 73 -18.59 19.39 -20.36
C THR B 73 -19.23 20.75 -20.13
N GLU B 74 -19.05 21.34 -18.94
CA GLU B 74 -19.51 22.70 -18.73
C GLU B 74 -18.66 23.69 -19.51
N HIS B 75 -17.34 23.48 -19.55
CA HIS B 75 -16.48 24.44 -20.25
C HIS B 75 -16.84 24.57 -21.72
N ALA B 76 -17.34 23.51 -22.33
CA ALA B 76 -17.64 23.51 -23.76
C ALA B 76 -19.03 24.03 -24.07
N LYS B 77 -19.77 24.50 -23.08
CA LYS B 77 -21.12 25.03 -23.26
C LYS B 77 -22.04 24.00 -23.91
N ARG B 78 -21.94 22.75 -23.47
CA ARG B 78 -22.77 21.66 -23.95
C ARG B 78 -23.80 21.28 -22.88
N LYS B 79 -24.66 20.34 -23.25
CA LYS B 79 -25.65 19.80 -22.31
C LYS B 79 -25.64 18.28 -22.23
N THR B 80 -24.91 17.59 -23.11
CA THR B 80 -24.82 16.14 -23.08
C THR B 80 -23.39 15.73 -22.80
N VAL B 81 -23.20 14.89 -21.79
CA VAL B 81 -21.86 14.43 -21.42
C VAL B 81 -21.45 13.31 -22.36
N THR B 82 -20.34 13.50 -23.06
CA THR B 82 -19.85 12.51 -23.99
C THR B 82 -18.81 11.62 -23.30
N ALA B 83 -18.61 10.42 -23.86
CA ALA B 83 -17.64 9.50 -23.31
C ALA B 83 -16.23 10.07 -23.34
N MET B 84 -15.97 11.02 -24.25
CA MET B 84 -14.64 11.59 -24.37
C MET B 84 -14.27 12.36 -23.10
N ASP B 85 -15.23 13.10 -22.54
CA ASP B 85 -14.99 13.77 -21.27
C ASP B 85 -14.72 12.77 -20.16
N VAL B 86 -15.40 11.63 -20.17
CA VAL B 86 -15.22 10.63 -19.13
C VAL B 86 -13.81 10.04 -19.19
N VAL B 87 -13.37 9.65 -20.39
CA VAL B 87 -12.03 9.08 -20.49
C VAL B 87 -10.98 10.14 -20.17
N TYR B 88 -11.25 11.40 -20.52
CA TYR B 88 -10.25 12.41 -20.22
C TYR B 88 -10.20 12.72 -18.72
N ALA B 89 -11.33 12.68 -18.04
CA ALA B 89 -11.30 12.77 -16.58
C ALA B 89 -10.50 11.64 -15.99
N LEU B 90 -10.77 10.41 -16.42
CA LEU B 90 -10.05 9.26 -15.90
C LEU B 90 -8.55 9.43 -16.09
N LYS B 91 -8.14 9.99 -17.23
CA LYS B 91 -6.73 10.30 -17.45
C LYS B 91 -6.23 11.36 -16.47
N ARG B 92 -7.06 12.37 -16.18
CA ARG B 92 -6.65 13.38 -15.21
C ARG B 92 -6.37 12.78 -13.84
N GLN B 93 -7.26 11.91 -13.34
CA GLN B 93 -6.96 11.22 -12.09
C GLN B 93 -5.97 10.07 -12.23
N GLY B 94 -5.19 10.00 -13.30
CA GLY B 94 -4.19 8.95 -13.41
C GLY B 94 -4.74 7.55 -13.53
N ARG B 95 -5.81 7.39 -14.30
CA ARG B 95 -6.49 6.12 -14.50
C ARG B 95 -6.80 5.91 -15.97
N THR B 96 -5.78 6.10 -16.82
CA THR B 96 -5.96 6.10 -18.26
C THR B 96 -6.71 4.86 -18.74
N LEU B 97 -7.69 5.07 -19.61
CA LEU B 97 -8.57 4.01 -20.10
C LEU B 97 -8.44 3.91 -21.61
N TYR B 98 -8.28 2.69 -22.10
CA TYR B 98 -8.12 2.42 -23.53
C TYR B 98 -9.41 1.85 -24.11
N GLY B 99 -9.54 1.97 -25.42
CA GLY B 99 -10.64 1.35 -26.14
C GLY B 99 -11.92 2.14 -26.19
N PHE B 100 -11.92 3.39 -25.72
CA PHE B 100 -13.11 4.23 -25.75
C PHE B 100 -12.82 5.54 -26.47
N GLY B 101 -12.07 5.47 -27.56
CA GLY B 101 -11.68 6.66 -28.27
C GLY B 101 -10.56 7.41 -27.58
N GLY B 102 -10.28 8.59 -28.08
CA GLY B 102 -9.22 9.43 -27.54
C GLY B 102 -7.92 9.31 -28.32
N ARG C 11 1.70 62.08 -23.20
CA ARG C 11 2.21 60.93 -22.44
C ARG C 11 1.92 61.09 -20.95
N ALA C 12 0.90 60.37 -20.47
CA ALA C 12 0.56 60.43 -19.06
C ALA C 12 1.55 59.62 -18.24
N LYS C 13 1.55 59.87 -16.93
CA LYS C 13 2.41 59.12 -16.03
C LYS C 13 1.95 57.68 -15.93
N ALA C 14 2.91 56.75 -15.91
CA ALA C 14 2.60 55.34 -16.00
C ALA C 14 2.02 54.80 -14.68
N LYS C 15 1.11 53.85 -14.80
CA LYS C 15 0.57 53.11 -13.68
C LYS C 15 0.69 51.63 -13.96
N THR C 16 1.21 50.87 -13.00
CA THR C 16 1.35 49.43 -13.17
C THR C 16 0.00 48.74 -13.12
N ARG C 17 -0.15 47.67 -13.89
CA ARG C 17 -1.41 46.95 -13.96
C ARG C 17 -1.76 46.31 -12.62
N SER C 18 -0.76 45.94 -11.83
CA SER C 18 -1.03 45.41 -10.49
C SER C 18 -1.73 46.46 -9.63
N SER C 19 -1.30 47.72 -9.73
CA SER C 19 -1.98 48.79 -9.03
C SER C 19 -3.40 48.97 -9.55
N ARG C 20 -3.60 48.80 -10.85
CA ARG C 20 -4.95 48.91 -11.43
C ARG C 20 -5.87 47.84 -10.87
N ALA C 21 -5.39 46.61 -10.76
CA ALA C 21 -6.17 45.50 -10.23
C ALA C 21 -6.11 45.39 -8.72
N GLY C 22 -5.34 46.25 -8.06
CA GLY C 22 -5.22 46.19 -6.61
C GLY C 22 -4.56 44.93 -6.10
N LEU C 23 -3.52 44.46 -6.78
CA LEU C 23 -2.81 43.26 -6.39
C LEU C 23 -1.39 43.61 -5.97
N GLN C 24 -0.68 42.61 -5.46
CA GLN C 24 0.73 42.73 -5.11
C GLN C 24 1.64 41.94 -6.03
N PHE C 25 1.16 40.89 -6.66
CA PHE C 25 1.97 40.12 -7.59
C PHE C 25 2.10 40.84 -8.93
N PRO C 26 3.16 40.57 -9.69
CA PRO C 26 3.40 41.32 -10.93
C PRO C 26 2.56 40.77 -12.08
N VAL C 27 1.67 41.59 -12.61
CA VAL C 27 0.88 41.20 -13.77
C VAL C 27 1.75 41.12 -15.02
N GLY C 28 2.63 42.11 -15.20
CA GLY C 28 3.45 42.14 -16.40
C GLY C 28 4.38 40.94 -16.50
N ARG C 29 5.02 40.56 -15.39
CA ARG C 29 5.92 39.42 -15.41
C ARG C 29 5.18 38.13 -15.71
N VAL C 30 3.99 37.96 -15.13
CA VAL C 30 3.20 36.76 -15.40
C VAL C 30 2.78 36.72 -16.87
N HIS C 31 2.39 37.87 -17.42
CA HIS C 31 2.04 37.94 -18.83
C HIS C 31 3.23 37.54 -19.71
N ARG C 32 4.42 38.06 -19.40
CA ARG C 32 5.61 37.72 -20.17
C ARG C 32 5.92 36.24 -20.07
N LEU C 33 5.79 35.67 -18.87
CA LEU C 33 6.06 34.25 -18.70
C LEU C 33 5.07 33.39 -19.48
N LEU C 34 3.79 33.78 -19.49
CA LEU C 34 2.80 33.04 -20.27
C LEU C 34 3.10 33.12 -21.75
N ARG C 35 3.48 34.31 -22.25
CA ARG C 35 3.68 34.46 -23.69
C ARG C 35 4.94 33.75 -24.17
N LYS C 36 5.96 33.65 -23.31
CA LYS C 36 7.22 32.99 -23.67
C LYS C 36 7.26 31.53 -23.22
N GLY C 37 6.19 31.01 -22.65
CA GLY C 37 6.20 29.69 -22.06
C GLY C 37 5.81 28.55 -22.97
N ASN C 38 5.48 28.84 -24.23
CA ASN C 38 5.03 27.82 -25.19
C ASN C 38 3.82 27.12 -24.58
N TYR C 39 2.71 27.85 -24.47
CA TYR C 39 1.44 27.34 -23.97
C TYR C 39 0.32 27.50 -24.99
N SER C 40 0.33 28.60 -25.74
CA SER C 40 -0.65 28.86 -26.77
C SER C 40 -0.07 29.88 -27.73
N GLU C 41 -0.72 30.01 -28.88
CA GLU C 41 -0.28 31.01 -29.87
C GLU C 41 -0.58 32.42 -29.40
N ARG C 42 -1.76 32.63 -28.79
CA ARG C 42 -2.17 33.94 -28.33
C ARG C 42 -2.61 33.84 -26.87
N VAL C 43 -2.53 34.97 -26.17
CA VAL C 43 -2.91 35.07 -24.76
C VAL C 43 -3.87 36.23 -24.60
N GLY C 44 -4.99 35.98 -23.93
CA GLY C 44 -5.97 37.03 -23.71
C GLY C 44 -5.47 38.09 -22.74
N ALA C 45 -6.23 39.18 -22.65
CA ALA C 45 -5.84 40.29 -21.80
C ALA C 45 -6.10 40.01 -20.32
N GLY C 46 -7.13 39.23 -20.00
CA GLY C 46 -7.52 39.00 -18.63
C GLY C 46 -6.91 37.80 -17.94
N ALA C 47 -6.17 36.97 -18.67
CA ALA C 47 -5.57 35.79 -18.04
C ALA C 47 -4.53 36.13 -16.98
N PRO C 48 -3.55 37.01 -17.22
CA PRO C 48 -2.55 37.27 -16.18
C PRO C 48 -3.14 37.82 -14.90
N VAL C 49 -4.19 38.64 -14.97
CA VAL C 49 -4.81 39.17 -13.77
C VAL C 49 -5.38 38.05 -12.93
N TYR C 50 -6.11 37.14 -13.57
CA TYR C 50 -6.70 36.00 -12.87
C TYR C 50 -5.62 35.14 -12.22
N LEU C 51 -4.57 34.82 -12.99
CA LEU C 51 -3.52 33.95 -12.48
C LEU C 51 -2.80 34.60 -11.30
N ALA C 52 -2.50 35.89 -11.41
CA ALA C 52 -1.83 36.59 -10.32
C ALA C 52 -2.70 36.63 -9.08
N ALA C 53 -4.01 36.87 -9.24
CA ALA C 53 -4.89 36.88 -8.08
C ALA C 53 -4.92 35.52 -7.39
N VAL C 54 -5.01 34.44 -8.17
CA VAL C 54 -5.06 33.11 -7.56
C VAL C 54 -3.76 32.82 -6.81
N LEU C 55 -2.62 33.13 -7.44
CA LEU C 55 -1.34 32.88 -6.78
C LEU C 55 -1.21 33.68 -5.50
N GLU C 56 -1.61 34.95 -5.53
CA GLU C 56 -1.53 35.78 -4.34
C GLU C 56 -2.39 35.23 -3.22
N TYR C 57 -3.60 34.78 -3.54
CA TYR C 57 -4.48 34.22 -2.52
C TYR C 57 -3.86 32.99 -1.87
N LEU C 58 -3.33 32.08 -2.70
CA LEU C 58 -2.74 30.87 -2.14
C LEU C 58 -1.54 31.19 -1.26
N THR C 59 -0.67 32.09 -1.72
CA THR C 59 0.49 32.46 -0.92
C THR C 59 0.07 33.09 0.39
N ALA C 60 -0.94 33.96 0.36
CA ALA C 60 -1.40 34.59 1.59
C ALA C 60 -1.92 33.56 2.59
N GLU C 61 -2.70 32.58 2.11
CA GLU C 61 -3.21 31.55 3.01
C GLU C 61 -2.08 30.77 3.66
N ILE C 62 -1.11 30.32 2.86
CA ILE C 62 -0.02 29.52 3.41
C ILE C 62 0.80 30.34 4.40
N LEU C 63 1.08 31.60 4.07
CA LEU C 63 1.88 32.43 4.95
C LEU C 63 1.14 32.72 6.25
N GLU C 64 -0.18 32.90 6.21
CA GLU C 64 -0.92 33.12 7.44
C GLU C 64 -0.82 31.91 8.35
N LEU C 65 -1.00 30.71 7.80
CA LEU C 65 -0.91 29.51 8.62
C LEU C 65 0.49 29.34 9.21
N ALA C 66 1.52 29.56 8.40
CA ALA C 66 2.88 29.42 8.89
C ALA C 66 3.18 30.44 9.98
N GLY C 67 2.72 31.68 9.82
CA GLY C 67 2.95 32.68 10.83
C GLY C 67 2.24 32.36 12.14
N ASN C 68 1.02 31.83 12.04
CA ASN C 68 0.33 31.41 13.25
C ASN C 68 1.11 30.31 13.97
N ALA C 69 1.63 29.33 13.23
CA ALA C 69 2.43 28.28 13.85
C ALA C 69 3.69 28.84 14.51
N ALA C 70 4.37 29.76 13.81
CA ALA C 70 5.59 30.35 14.36
C ALA C 70 5.31 31.14 15.62
N ARG C 71 4.19 31.87 15.66
CA ARG C 71 3.78 32.56 16.87
C ARG C 71 3.52 31.57 17.99
N ASP C 72 2.87 30.45 17.66
CA ASP C 72 2.58 29.44 18.67
C ASP C 72 3.86 28.83 19.25
N ASN C 73 4.92 28.76 18.44
CA ASN C 73 6.18 28.16 18.88
C ASN C 73 7.07 29.18 19.58
N LYS C 74 6.55 30.35 19.92
CA LYS C 74 7.29 31.40 20.62
C LYS C 74 8.54 31.78 19.80
N LYS C 75 8.31 32.21 18.56
CA LYS C 75 9.34 32.69 17.66
C LYS C 75 8.78 33.81 16.80
N THR C 76 9.69 34.64 16.28
CA THR C 76 9.33 35.76 15.40
C THR C 76 9.52 35.45 13.93
N ARG C 77 10.59 34.76 13.56
CA ARG C 77 10.88 34.43 12.18
C ARG C 77 10.33 33.06 11.82
N ILE C 78 10.08 32.86 10.53
CA ILE C 78 9.47 31.65 10.01
C ILE C 78 10.56 30.75 9.43
N ILE C 79 10.55 29.49 9.81
CA ILE C 79 11.55 28.52 9.35
C ILE C 79 10.79 27.38 8.67
N PRO C 80 11.49 26.56 7.86
CA PRO C 80 10.77 25.53 7.09
C PRO C 80 9.96 24.56 7.93
N ARG C 81 10.35 24.33 9.19
CA ARG C 81 9.56 23.44 10.05
C ARG C 81 8.15 23.96 10.23
N HIS C 82 8.00 25.27 10.43
CA HIS C 82 6.67 25.86 10.59
C HIS C 82 5.84 25.67 9.33
N LEU C 83 6.45 25.87 8.15
CA LEU C 83 5.73 25.64 6.91
C LEU C 83 5.28 24.19 6.78
N GLN C 84 6.16 23.25 7.16
CA GLN C 84 5.78 21.84 7.09
C GLN C 84 4.61 21.53 8.00
N LEU C 85 4.64 22.05 9.23
CA LEU C 85 3.54 21.82 10.15
C LEU C 85 2.24 22.41 9.60
N ALA C 86 2.30 23.65 9.11
CA ALA C 86 1.09 24.30 8.62
C ALA C 86 0.51 23.56 7.42
N ILE C 87 1.35 23.12 6.49
CA ILE C 87 0.85 22.41 5.32
C ILE C 87 0.27 21.06 5.71
N ARG C 88 0.98 20.31 6.57
CA ARG C 88 0.56 18.96 6.89
C ARG C 88 -0.63 18.91 7.83
N ASN C 89 -0.94 19.98 8.54
CA ASN C 89 -2.06 19.96 9.48
C ASN C 89 -3.36 20.48 8.88
N ASP C 90 -3.38 20.85 7.60
CA ASP C 90 -4.57 21.33 6.92
C ASP C 90 -4.97 20.36 5.83
N GLU C 91 -6.26 20.04 5.75
CA GLU C 91 -6.71 19.00 4.84
C GLU C 91 -6.53 19.39 3.38
N GLU C 92 -7.02 20.58 3.00
CA GLU C 92 -6.94 20.99 1.60
C GLU C 92 -5.49 21.17 1.15
N LEU C 93 -4.67 21.81 1.98
CA LEU C 93 -3.26 21.99 1.61
C LEU C 93 -2.54 20.66 1.54
N ASN C 94 -2.84 19.73 2.45
CA ASN C 94 -2.24 18.40 2.40
C ASN C 94 -2.62 17.67 1.13
N LYS C 95 -3.89 17.77 0.72
CA LYS C 95 -4.32 17.15 -0.52
C LYS C 95 -3.63 17.78 -1.73
N LEU C 96 -3.48 19.10 -1.72
CA LEU C 96 -2.83 19.78 -2.84
C LEU C 96 -1.36 19.42 -2.93
N LEU C 97 -0.68 19.31 -1.80
CA LEU C 97 0.76 19.07 -1.74
C LEU C 97 1.08 17.68 -1.20
N GLY C 98 0.31 16.68 -1.63
CA GLY C 98 0.49 15.33 -1.12
C GLY C 98 1.82 14.70 -1.48
N ARG C 99 2.34 15.01 -2.67
CA ARG C 99 3.55 14.40 -3.20
C ARG C 99 4.72 15.37 -3.24
N VAL C 100 4.87 16.18 -2.20
CA VAL C 100 5.89 17.22 -2.16
C VAL C 100 6.73 17.04 -0.92
N THR C 101 8.05 17.10 -1.07
CA THR C 101 9.00 17.01 0.02
C THR C 101 9.60 18.38 0.27
N ILE C 102 9.59 18.81 1.54
CA ILE C 102 10.12 20.10 1.94
C ILE C 102 11.43 19.86 2.69
N ALA C 103 12.51 20.48 2.21
CA ALA C 103 13.81 20.30 2.83
C ALA C 103 13.81 20.88 4.23
N GLN C 104 14.49 20.19 5.15
CA GLN C 104 14.57 20.58 6.55
C GLN C 104 13.17 20.77 7.16
N GLY C 105 12.26 19.86 6.82
CA GLY C 105 10.89 19.97 7.27
C GLY C 105 10.56 19.05 8.44
N GLY C 106 11.24 17.91 8.52
CA GLY C 106 10.92 16.98 9.57
C GLY C 106 9.60 16.29 9.32
N VAL C 107 9.08 15.64 10.36
CA VAL C 107 7.82 14.90 10.29
C VAL C 107 6.92 15.36 11.42
N LEU C 108 5.63 15.08 11.27
CA LEU C 108 4.63 15.42 12.28
C LEU C 108 4.74 14.45 13.45
N PRO C 109 4.74 14.94 14.69
CA PRO C 109 4.81 14.03 15.85
C PRO C 109 3.55 13.17 15.93
N ASN C 110 3.75 11.85 15.82
CA ASN C 110 2.63 10.92 15.83
C ASN C 110 3.13 9.55 16.24
N ILE C 111 2.57 9.00 17.32
CA ILE C 111 2.91 7.68 17.83
C ILE C 111 1.63 6.86 17.91
N GLN C 112 1.70 5.61 17.45
CA GLN C 112 0.54 4.73 17.53
C GLN C 112 0.20 4.44 19.00
N ALA C 113 -1.08 4.21 19.26
CA ALA C 113 -1.53 4.00 20.61
C ALA C 113 -1.03 2.67 21.19
N VAL C 114 -0.86 1.65 20.35
CA VAL C 114 -0.47 0.34 20.84
C VAL C 114 0.94 0.37 21.41
N LEU C 115 1.82 1.17 20.81
CA LEU C 115 3.20 1.24 21.29
C LEU C 115 3.31 1.88 22.66
N LEU C 116 2.37 2.75 23.03
CA LEU C 116 2.44 3.43 24.32
C LEU C 116 2.26 2.42 25.46
N PRO C 117 3.11 2.46 26.48
CA PRO C 117 2.98 1.49 27.57
C PRO C 117 1.74 1.73 28.40
N LYS C 118 1.29 0.66 29.05
CA LYS C 118 0.12 0.72 29.93
C LYS C 118 0.43 1.63 31.13
N SER D 32 22.74 37.43 -17.28
CA SER D 32 23.30 37.48 -15.94
C SER D 32 22.31 38.06 -14.95
N ARG D 33 21.03 38.09 -15.32
CA ARG D 33 19.96 38.60 -14.48
C ARG D 33 19.07 37.45 -14.05
N LYS D 34 18.83 37.33 -12.74
CA LYS D 34 18.02 36.26 -12.20
C LYS D 34 16.78 36.85 -11.52
N GLU D 35 15.63 36.27 -11.82
CA GLU D 35 14.36 36.74 -11.32
C GLU D 35 13.85 35.83 -10.21
N SER D 36 13.07 36.40 -9.30
CA SER D 36 12.48 35.64 -8.20
C SER D 36 11.23 36.37 -7.74
N TYR D 37 10.43 35.68 -6.93
CA TYR D 37 9.26 36.26 -6.30
C TYR D 37 9.56 36.77 -4.91
N SER D 38 10.78 37.26 -4.69
CA SER D 38 11.23 37.63 -3.35
C SER D 38 10.46 38.81 -2.80
N ILE D 39 10.36 39.89 -3.57
CA ILE D 39 9.74 41.11 -3.07
C ILE D 39 8.24 40.94 -2.89
N TYR D 40 7.60 40.18 -3.80
CA TYR D 40 6.16 40.06 -3.77
C TYR D 40 5.68 39.20 -2.61
N VAL D 41 6.41 38.11 -2.31
CA VAL D 41 6.07 37.30 -1.15
C VAL D 41 6.23 38.10 0.13
N TYR D 42 7.29 38.90 0.21
CA TYR D 42 7.47 39.76 1.38
C TYR D 42 6.35 40.78 1.50
N LYS D 43 5.92 41.35 0.37
CA LYS D 43 4.85 42.34 0.41
C LYS D 43 3.56 41.72 0.94
N VAL D 44 3.25 40.49 0.53
CA VAL D 44 2.05 39.82 1.01
C VAL D 44 2.18 39.51 2.50
N LEU D 45 3.37 39.10 2.94
CA LEU D 45 3.57 38.73 4.33
C LEU D 45 3.34 39.90 5.27
N LYS D 46 3.83 41.09 4.89
CA LYS D 46 3.61 42.27 5.71
C LYS D 46 2.14 42.66 5.77
N GLN D 47 1.38 42.36 4.71
CA GLN D 47 -0.03 42.68 4.69
C GLN D 47 -0.80 41.86 5.73
N VAL D 48 -0.46 40.59 5.89
CA VAL D 48 -1.17 39.71 6.81
C VAL D 48 -0.60 39.80 8.21
N HIS D 49 0.71 39.63 8.36
CA HIS D 49 1.38 39.72 9.66
C HIS D 49 2.29 40.92 9.67
N PRO D 50 1.88 42.04 10.27
CA PRO D 50 2.71 43.26 10.22
C PRO D 50 4.07 43.11 10.86
N ASP D 51 4.20 42.28 11.91
CA ASP D 51 5.43 42.24 12.68
C ASP D 51 6.06 40.86 12.69
N THR D 52 6.14 40.22 11.52
CA THR D 52 6.73 38.90 11.40
C THR D 52 7.77 38.90 10.28
N GLY D 53 8.91 38.25 10.54
CA GLY D 53 9.97 38.13 9.56
C GLY D 53 9.91 36.81 8.81
N ILE D 54 10.96 36.56 8.04
CA ILE D 54 11.10 35.31 7.30
C ILE D 54 12.58 35.07 7.07
N SER D 55 12.95 33.79 6.95
CA SER D 55 14.34 33.41 6.77
C SER D 55 14.64 33.22 5.29
N SER D 56 15.94 33.17 4.96
CA SER D 56 16.33 32.98 3.58
C SER D 56 15.92 31.61 3.06
N LYS D 57 16.01 30.57 3.91
CA LYS D 57 15.65 29.23 3.47
C LYS D 57 14.15 29.07 3.28
N ALA D 58 13.35 29.75 4.11
CA ALA D 58 11.90 29.66 3.92
C ALA D 58 11.49 30.24 2.57
N MET D 59 12.23 31.24 2.08
CA MET D 59 11.91 31.85 0.80
C MET D 59 12.21 30.94 -0.37
N GLY D 60 13.25 30.12 -0.26
CA GLY D 60 13.54 29.17 -1.32
C GLY D 60 12.39 28.21 -1.55
N ILE D 61 11.69 27.84 -0.48
CA ILE D 61 10.52 27.00 -0.60
C ILE D 61 9.37 27.77 -1.23
N MET D 62 9.18 29.03 -0.85
CA MET D 62 8.05 29.80 -1.37
C MET D 62 8.20 30.04 -2.87
N ASN D 63 9.42 30.27 -3.33
CA ASN D 63 9.64 30.43 -4.77
C ASN D 63 9.27 29.16 -5.53
N SER D 64 9.64 28.00 -4.99
CA SER D 64 9.29 26.75 -5.63
C SER D 64 7.78 26.54 -5.63
N PHE D 65 7.11 26.88 -4.54
CA PHE D 65 5.66 26.66 -4.47
C PHE D 65 4.93 27.51 -5.49
N VAL D 66 5.31 28.79 -5.64
CA VAL D 66 4.64 29.65 -6.59
C VAL D 66 4.87 29.17 -8.02
N ASN D 67 6.10 28.78 -8.34
CA ASN D 67 6.39 28.25 -9.67
C ASN D 67 5.63 26.96 -9.93
N ASP D 68 5.63 26.04 -8.97
CA ASP D 68 5.02 24.73 -9.18
C ASP D 68 3.54 24.86 -9.50
N ILE D 69 2.82 25.70 -8.76
CA ILE D 69 1.41 25.93 -9.07
C ILE D 69 1.26 26.58 -10.43
N PHE D 70 2.23 27.41 -10.84
CA PHE D 70 2.13 28.10 -12.12
C PHE D 70 2.11 27.11 -13.29
N GLU D 71 3.01 26.12 -13.29
CA GLU D 71 3.00 25.13 -14.38
C GLU D 71 1.72 24.30 -14.37
N ARG D 72 1.22 23.95 -13.19
CA ARG D 72 0.03 23.11 -13.12
C ARG D 72 -1.18 23.81 -13.71
N ILE D 73 -1.39 25.08 -13.35
CA ILE D 73 -2.54 25.82 -13.87
C ILE D 73 -2.36 26.12 -15.35
N ALA D 74 -1.16 26.59 -15.74
CA ALA D 74 -0.93 26.91 -17.14
C ALA D 74 -0.99 25.67 -18.01
N GLY D 75 -0.43 24.55 -17.54
CA GLY D 75 -0.47 23.32 -18.31
C GLY D 75 -1.89 22.82 -18.52
N GLU D 76 -2.71 22.86 -17.48
CA GLU D 76 -4.11 22.44 -17.62
C GLU D 76 -4.87 23.37 -18.54
N ALA D 77 -4.66 24.68 -18.41
CA ALA D 77 -5.39 25.63 -19.26
C ALA D 77 -4.92 25.59 -20.69
N SER D 78 -3.64 25.29 -20.92
CA SER D 78 -3.12 25.20 -22.28
C SER D 78 -3.79 24.06 -23.04
N ARG D 79 -3.99 22.92 -22.37
CA ARG D 79 -4.65 21.79 -23.00
C ARG D 79 -6.09 22.11 -23.37
N LEU D 80 -6.81 22.81 -22.49
CA LEU D 80 -8.22 23.09 -22.71
C LEU D 80 -8.44 23.92 -23.97
N ALA D 81 -7.47 24.77 -24.33
CA ALA D 81 -7.60 25.55 -25.56
C ALA D 81 -7.46 24.67 -26.79
N HIS D 82 -6.44 23.79 -26.80
CA HIS D 82 -6.29 22.78 -27.85
C HIS D 82 -7.44 21.79 -27.80
N TYR D 83 -8.15 21.77 -26.68
CA TYR D 83 -9.09 20.70 -26.39
C TYR D 83 -10.33 20.88 -27.24
N ASN D 84 -10.80 22.12 -27.35
CA ASN D 84 -12.00 22.51 -28.07
C ASN D 84 -11.67 23.15 -29.40
N LYS D 85 -10.47 22.93 -29.89
CA LYS D 85 -9.97 23.52 -31.14
C LYS D 85 -9.98 25.04 -31.07
N ARG D 86 -9.34 25.57 -30.02
CA ARG D 86 -9.21 27.01 -29.82
C ARG D 86 -7.74 27.40 -29.79
N SER D 87 -7.46 28.66 -30.14
CA SER D 87 -6.10 29.15 -30.23
C SER D 87 -5.71 30.13 -29.12
N THR D 88 -6.68 30.64 -28.36
CA THR D 88 -6.41 31.68 -27.38
C THR D 88 -6.70 31.16 -25.97
N ILE D 89 -6.01 31.74 -25.00
CA ILE D 89 -6.22 31.46 -23.59
C ILE D 89 -6.85 32.69 -22.96
N THR D 90 -8.06 32.55 -22.46
CA THR D 90 -8.80 33.64 -21.83
C THR D 90 -9.01 33.32 -20.35
N SER D 91 -9.73 34.21 -19.66
CA SER D 91 -9.99 34.00 -18.24
C SER D 91 -10.88 32.79 -18.00
N ARG D 92 -11.71 32.43 -18.98
CA ARG D 92 -12.56 31.25 -18.83
C ARG D 92 -11.73 29.98 -18.69
N GLU D 93 -10.66 29.86 -19.49
CA GLU D 93 -9.80 28.69 -19.38
C GLU D 93 -9.13 28.61 -18.02
N ILE D 94 -8.68 29.75 -17.49
CA ILE D 94 -8.06 29.76 -16.17
C ILE D 94 -9.09 29.42 -15.10
N GLN D 95 -10.32 29.90 -15.26
CA GLN D 95 -11.36 29.61 -14.29
C GLN D 95 -11.65 28.11 -14.22
N THR D 96 -11.73 27.45 -15.37
CA THR D 96 -11.96 26.01 -15.38
C THR D 96 -10.73 25.27 -14.85
N ALA D 97 -9.53 25.70 -15.23
CA ALA D 97 -8.32 25.03 -14.78
C ALA D 97 -8.18 25.10 -13.27
N VAL D 98 -8.56 26.22 -12.67
CA VAL D 98 -8.53 26.34 -11.21
C VAL D 98 -9.52 25.38 -10.58
N ARG D 99 -10.73 25.28 -11.14
CA ARG D 99 -11.74 24.40 -10.57
C ARG D 99 -11.34 22.93 -10.66
N LEU D 100 -10.58 22.57 -11.69
CA LEU D 100 -10.16 21.18 -11.85
C LEU D 100 -9.06 20.80 -10.87
N LEU D 101 -8.20 21.74 -10.49
CA LEU D 101 -7.01 21.43 -9.70
C LEU D 101 -7.20 21.63 -8.20
N LEU D 102 -8.06 22.52 -7.80
CA LEU D 102 -8.08 22.78 -6.37
C LEU D 102 -9.21 22.01 -5.69
N PRO D 103 -9.03 21.66 -4.42
CA PRO D 103 -10.08 20.92 -3.70
C PRO D 103 -11.34 21.73 -3.48
N GLY D 104 -12.31 21.15 -2.77
CA GLY D 104 -13.64 21.73 -2.64
C GLY D 104 -13.72 23.17 -2.20
N GLU D 105 -13.33 23.45 -0.95
CA GLU D 105 -13.49 24.80 -0.42
C GLU D 105 -12.43 25.74 -0.96
N LEU D 106 -11.23 25.24 -1.26
CA LEU D 106 -10.17 26.10 -1.78
C LEU D 106 -10.55 26.67 -3.14
N ALA D 107 -11.17 25.86 -3.99
CA ALA D 107 -11.54 26.33 -5.33
C ALA D 107 -12.60 27.42 -5.27
N LYS D 108 -13.50 27.36 -4.29
CA LYS D 108 -14.60 28.32 -4.21
C LYS D 108 -14.08 29.73 -3.95
N HIS D 109 -13.16 29.88 -3.00
CA HIS D 109 -12.66 31.20 -2.66
C HIS D 109 -11.66 31.72 -3.68
N ALA D 110 -10.86 30.84 -4.29
CA ALA D 110 -9.89 31.28 -5.27
C ALA D 110 -10.57 31.89 -6.49
N VAL D 111 -11.73 31.33 -6.88
CA VAL D 111 -12.47 31.88 -8.01
C VAL D 111 -13.01 33.26 -7.67
N SER D 112 -13.46 33.46 -6.43
CA SER D 112 -13.96 34.77 -6.02
C SER D 112 -12.87 35.83 -6.12
N GLU D 113 -11.65 35.49 -5.69
CA GLU D 113 -10.55 36.45 -5.78
C GLU D 113 -10.24 36.80 -7.22
N GLY D 114 -10.27 35.82 -8.12
CA GLY D 114 -10.02 36.11 -9.52
C GLY D 114 -11.10 36.96 -10.15
N THR D 115 -12.36 36.67 -9.85
CA THR D 115 -13.46 37.40 -10.46
C THR D 115 -13.45 38.86 -10.05
N LYS D 116 -13.20 39.13 -8.77
CA LYS D 116 -13.17 40.51 -8.29
C LYS D 116 -12.03 41.30 -8.93
N ALA D 117 -10.87 40.67 -9.09
CA ALA D 117 -9.73 41.36 -9.68
C ALA D 117 -9.98 41.70 -11.14
N VAL D 118 -10.59 40.78 -11.90
CA VAL D 118 -10.84 41.02 -13.31
C VAL D 118 -11.83 42.18 -13.48
N THR D 119 -12.87 42.22 -12.66
CA THR D 119 -13.85 43.30 -12.76
C THR D 119 -13.20 44.65 -12.46
N LYS D 120 -12.35 44.71 -11.43
CA LYS D 120 -11.70 45.97 -11.08
C LYS D 120 -10.80 46.45 -12.21
N TYR D 121 -10.06 45.54 -12.84
CA TYR D 121 -9.18 45.92 -13.93
C TYR D 121 -9.96 46.43 -15.13
N THR D 122 -11.08 45.79 -15.45
CA THR D 122 -11.87 46.21 -16.61
C THR D 122 -12.55 47.54 -16.37
N SER D 123 -13.19 47.70 -15.21
CA SER D 123 -13.93 48.92 -14.93
C SER D 123 -12.98 50.10 -14.72
N ALA D 124 -12.07 49.99 -13.77
CA ALA D 124 -11.12 51.05 -13.47
C ALA D 124 -9.92 50.96 -14.42
N LYS D 125 -10.21 51.13 -15.70
CA LYS D 125 -9.17 51.10 -16.73
C LYS D 125 -8.35 52.37 -16.70
N PRO E 38 23.78 -0.84 38.53
CA PRO E 38 22.75 -1.02 39.56
C PRO E 38 21.43 -0.37 39.19
N HIS E 39 21.47 0.60 38.28
CA HIS E 39 20.27 1.25 37.75
C HIS E 39 20.20 0.97 36.26
N ARG E 40 19.20 0.21 35.85
CA ARG E 40 19.00 -0.15 34.45
C ARG E 40 17.62 0.30 34.02
N TYR E 41 17.53 0.85 32.81
CA TYR E 41 16.25 1.34 32.30
C TYR E 41 15.47 0.21 31.67
N ARG E 42 14.15 0.32 31.74
CA ARG E 42 13.30 -0.77 31.30
C ARG E 42 13.40 -0.83 29.77
N PRO E 43 13.49 -2.02 29.17
CA PRO E 43 13.45 -2.11 27.71
C PRO E 43 12.17 -1.50 27.16
N GLY E 44 12.33 -0.74 26.07
CA GLY E 44 11.25 0.01 25.47
C GLY E 44 11.19 1.46 25.89
N THR E 45 11.70 1.81 27.07
CA THR E 45 11.66 3.19 27.52
C THR E 45 12.60 4.07 26.71
N VAL E 46 13.84 3.63 26.52
CA VAL E 46 14.79 4.41 25.72
C VAL E 46 14.33 4.47 24.28
N ALA E 47 13.63 3.44 23.80
CA ALA E 47 13.08 3.49 22.45
C ALA E 47 12.07 4.63 22.31
N LEU E 48 11.20 4.78 23.30
CA LEU E 48 10.22 5.88 23.25
C LEU E 48 10.90 7.23 23.40
N ARG E 49 11.93 7.32 24.25
CA ARG E 49 12.67 8.57 24.35
C ARG E 49 13.30 8.95 23.03
N GLU E 50 13.90 7.97 22.35
CA GLU E 50 14.51 8.23 21.05
C GLU E 50 13.47 8.62 20.02
N ILE E 51 12.29 7.99 20.06
CA ILE E 51 11.23 8.35 19.14
C ILE E 51 10.83 9.80 19.33
N ARG E 52 10.60 10.20 20.59
CA ARG E 52 10.19 11.57 20.85
C ARG E 52 11.30 12.56 20.50
N ARG E 53 12.56 12.17 20.66
CA ARG E 53 13.66 13.07 20.32
C ARG E 53 13.80 13.24 18.82
N TYR E 54 13.66 12.16 18.06
CA TYR E 54 13.89 12.21 16.63
C TYR E 54 12.65 12.58 15.82
N GLN E 55 11.48 12.63 16.44
CA GLN E 55 10.30 13.14 15.75
C GLN E 55 10.17 14.65 15.87
N LYS E 56 11.12 15.31 16.52
CA LYS E 56 11.12 16.75 16.71
C LYS E 56 12.25 17.45 15.98
N SER E 57 13.42 16.84 15.90
CA SER E 57 14.56 17.43 15.21
C SER E 57 14.34 17.39 13.70
N THR E 58 15.20 18.11 12.99
CA THR E 58 15.06 18.25 11.54
C THR E 58 16.33 17.98 10.74
N GLU E 59 17.47 17.78 11.39
CA GLU E 59 18.72 17.63 10.65
C GLU E 59 18.82 16.23 10.03
N LEU E 60 19.83 16.07 9.18
CA LEU E 60 20.06 14.80 8.51
C LEU E 60 20.53 13.74 9.50
N LEU E 61 20.24 12.49 9.21
CA LEU E 61 20.54 11.38 10.11
C LEU E 61 21.60 10.42 9.55
N ILE E 62 22.19 10.72 8.41
CA ILE E 62 23.20 9.88 7.80
C ILE E 62 24.49 10.67 7.65
N ARG E 63 25.62 10.03 7.96
CA ARG E 63 26.91 10.69 7.81
C ARG E 63 27.14 11.07 6.35
N LYS E 64 27.72 12.25 6.14
CA LYS E 64 27.80 12.82 4.80
C LYS E 64 28.81 12.09 3.93
N LEU E 65 30.00 11.81 4.47
CA LEU E 65 31.05 11.21 3.65
C LEU E 65 30.70 9.82 3.15
N PRO E 66 30.19 8.89 3.97
CA PRO E 66 29.79 7.59 3.40
C PRO E 66 28.73 7.70 2.33
N PHE E 67 27.76 8.61 2.50
CA PHE E 67 26.75 8.80 1.46
C PHE E 67 27.37 9.33 0.18
N GLN E 68 28.31 10.27 0.29
CA GLN E 68 28.99 10.77 -0.90
C GLN E 68 29.74 9.64 -1.61
N ARG E 69 30.44 8.81 -0.85
CA ARG E 69 31.17 7.71 -1.46
C ARG E 69 30.22 6.74 -2.14
N LEU E 70 29.08 6.45 -1.51
CA LEU E 70 28.09 5.55 -2.13
C LEU E 70 27.55 6.13 -3.43
N VAL E 71 27.22 7.42 -3.43
CA VAL E 71 26.68 8.05 -4.64
C VAL E 71 27.70 8.02 -5.75
N ARG E 72 28.96 8.35 -5.45
CA ARG E 72 29.99 8.32 -6.49
C ARG E 72 30.23 6.91 -7.01
N GLU E 73 30.22 5.91 -6.13
CA GLU E 73 30.40 4.54 -6.58
C GLU E 73 29.27 4.10 -7.50
N ILE E 74 28.02 4.45 -7.15
CA ILE E 74 26.91 4.08 -8.01
C ILE E 74 27.00 4.79 -9.35
N ALA E 75 27.39 6.07 -9.34
CA ALA E 75 27.40 6.83 -10.58
C ALA E 75 28.57 6.45 -11.48
N GLN E 76 29.65 5.91 -10.92
CA GLN E 76 30.81 5.57 -11.73
C GLN E 76 30.51 4.49 -12.76
N ASP E 77 29.45 3.70 -12.56
CA ASP E 77 29.11 2.66 -13.52
C ASP E 77 28.56 3.26 -14.80
N PHE E 78 27.65 4.23 -14.68
CA PHE E 78 26.96 4.76 -15.86
C PHE E 78 27.89 5.59 -16.73
N LYS E 79 28.71 6.44 -16.13
CA LYS E 79 29.67 7.25 -16.87
C LYS E 79 30.87 7.52 -15.99
N THR E 80 32.05 7.44 -16.58
CA THR E 80 33.30 7.63 -15.85
C THR E 80 33.72 9.09 -15.87
N ASP E 81 34.52 9.47 -14.87
CA ASP E 81 35.00 10.84 -14.69
C ASP E 81 33.84 11.84 -14.66
N LEU E 82 33.01 11.70 -13.62
CA LEU E 82 31.92 12.62 -13.37
C LEU E 82 32.19 13.43 -12.11
N ARG E 83 31.87 14.72 -12.17
CA ARG E 83 32.01 15.62 -11.04
C ARG E 83 30.62 15.96 -10.49
N PHE E 84 30.55 16.18 -9.19
CA PHE E 84 29.28 16.45 -8.52
C PHE E 84 29.36 17.79 -7.79
N GLN E 85 28.26 18.54 -7.84
CA GLN E 85 28.15 19.72 -7.00
C GLN E 85 27.69 19.31 -5.60
N SER E 86 27.98 20.18 -4.62
CA SER E 86 27.57 19.90 -3.26
C SER E 86 26.06 19.88 -3.13
N ALA E 87 25.37 20.80 -3.82
CA ALA E 87 23.92 20.86 -3.75
C ALA E 87 23.29 19.59 -4.31
N ALA E 88 23.90 18.97 -5.32
CA ALA E 88 23.36 17.73 -5.87
C ALA E 88 23.35 16.62 -4.82
N ILE E 89 24.47 16.46 -4.11
CA ILE E 89 24.54 15.44 -3.07
C ILE E 89 23.58 15.77 -1.94
N GLY E 90 23.45 17.05 -1.59
CA GLY E 90 22.49 17.43 -0.57
C GLY E 90 21.06 17.05 -0.95
N ALA E 91 20.68 17.35 -2.19
CA ALA E 91 19.33 17.02 -2.65
C ALA E 91 19.11 15.51 -2.66
N LEU E 92 20.10 14.75 -3.12
CA LEU E 92 19.98 13.30 -3.13
C LEU E 92 19.79 12.76 -1.72
N GLN E 93 20.59 13.25 -0.76
CA GLN E 93 20.45 12.79 0.60
C GLN E 93 19.08 13.12 1.18
N GLU E 94 18.59 14.32 0.93
CA GLU E 94 17.30 14.72 1.47
C GLU E 94 16.18 13.83 0.91
N ALA E 95 16.19 13.62 -0.40
CA ALA E 95 15.16 12.78 -1.01
C ALA E 95 15.23 11.36 -0.48
N SER E 96 16.44 10.81 -0.36
CA SER E 96 16.59 9.44 0.12
C SER E 96 16.07 9.30 1.55
N GLU E 97 16.42 10.25 2.43
CA GLU E 97 15.97 10.16 3.80
C GLU E 97 14.45 10.26 3.90
N ALA E 98 13.84 11.16 3.13
CA ALA E 98 12.39 11.27 3.15
C ALA E 98 11.72 9.97 2.69
N TYR E 99 12.25 9.38 1.60
CA TYR E 99 11.67 8.15 1.09
C TYR E 99 11.79 7.02 2.12
N LEU E 100 12.95 6.90 2.76
CA LEU E 100 13.12 5.83 3.74
C LEU E 100 12.20 6.02 4.94
N VAL E 101 12.02 7.26 5.39
CA VAL E 101 11.13 7.51 6.53
C VAL E 101 9.70 7.13 6.18
N GLY E 102 9.25 7.51 4.99
CA GLY E 102 7.90 7.12 4.58
C GLY E 102 7.72 5.61 4.51
N LEU E 103 8.71 4.92 3.94
CA LEU E 103 8.64 3.47 3.85
C LEU E 103 8.58 2.84 5.23
N PHE E 104 9.37 3.34 6.18
CA PHE E 104 9.37 2.77 7.52
C PHE E 104 8.05 3.02 8.22
N GLU E 105 7.42 4.18 8.01
CA GLU E 105 6.11 4.43 8.60
C GLU E 105 5.06 3.45 8.06
N ASP E 106 5.05 3.24 6.74
CA ASP E 106 4.12 2.27 6.17
C ASP E 106 4.39 0.86 6.70
N THR E 107 5.67 0.51 6.84
CA THR E 107 6.02 -0.79 7.41
C THR E 107 5.50 -0.93 8.84
N ASN E 108 5.61 0.13 9.63
CA ASN E 108 5.08 0.08 10.99
C ASN E 108 3.58 -0.16 10.99
N LEU E 109 2.86 0.51 10.08
CA LEU E 109 1.42 0.28 10.00
C LEU E 109 1.11 -1.17 9.64
N CYS E 110 1.83 -1.72 8.66
CA CYS E 110 1.60 -3.11 8.28
C CYS E 110 1.91 -4.08 9.41
N ALA E 111 3.00 -3.84 10.14
CA ALA E 111 3.36 -4.73 11.23
C ALA E 111 2.36 -4.65 12.38
N ILE E 112 1.84 -3.45 12.66
CA ILE E 112 0.81 -3.32 13.67
C ILE E 112 -0.46 -4.05 13.24
N HIS E 113 -0.75 -4.05 11.93
CA HIS E 113 -1.93 -4.76 11.43
C HIS E 113 -1.93 -6.23 11.83
N ALA E 114 -0.76 -6.86 11.89
CA ALA E 114 -0.65 -8.29 12.16
C ALA E 114 -0.46 -8.61 13.63
N LYS E 115 -0.86 -7.71 14.53
CA LYS E 115 -0.78 -7.93 15.97
C LYS E 115 0.67 -8.18 16.42
N ARG E 116 1.57 -7.33 15.95
CA ARG E 116 2.98 -7.39 16.34
C ARG E 116 3.51 -5.97 16.51
N VAL E 117 4.61 -5.85 17.25
CA VAL E 117 5.30 -4.58 17.40
C VAL E 117 6.66 -4.57 16.74
N THR E 118 7.15 -5.73 16.28
CA THR E 118 8.44 -5.83 15.62
C THR E 118 8.24 -5.86 14.11
N ILE E 119 9.00 -5.07 13.39
CA ILE E 119 8.92 -5.03 11.93
C ILE E 119 9.86 -6.08 11.35
N MET E 120 9.41 -6.76 10.32
CA MET E 120 10.13 -7.85 9.66
C MET E 120 10.12 -7.60 8.16
N PRO E 121 11.03 -8.24 7.42
CA PRO E 121 11.11 -7.96 5.97
C PRO E 121 9.83 -8.25 5.22
N LYS E 122 8.99 -9.17 5.72
CA LYS E 122 7.71 -9.43 5.07
C LYS E 122 6.85 -8.17 5.02
N ASP E 123 6.87 -7.38 6.09
CA ASP E 123 6.10 -6.14 6.12
C ASP E 123 6.62 -5.16 5.07
N ILE E 124 7.94 -5.05 4.93
CA ILE E 124 8.50 -4.17 3.91
C ILE E 124 8.06 -4.61 2.53
N GLN E 125 8.13 -5.92 2.27
CA GLN E 125 7.75 -6.43 0.96
C GLN E 125 6.28 -6.16 0.67
N LEU E 126 5.41 -6.38 1.66
CA LEU E 126 3.98 -6.13 1.46
C LEU E 126 3.71 -4.65 1.21
N ALA E 127 4.37 -3.77 1.97
CA ALA E 127 4.16 -2.34 1.78
C ALA E 127 4.61 -1.90 0.39
N ARG E 128 5.76 -2.39 -0.06
CA ARG E 128 6.23 -2.03 -1.40
C ARG E 128 5.31 -2.60 -2.47
N ARG E 129 4.80 -3.81 -2.26
CA ARG E 129 3.89 -4.39 -3.24
C ARG E 129 2.60 -3.58 -3.36
N ILE E 130 2.01 -3.19 -2.24
CA ILE E 130 0.75 -2.47 -2.28
C ILE E 130 0.95 -1.06 -2.83
N ARG E 131 2.05 -0.40 -2.44
CA ARG E 131 2.31 0.94 -2.93
C ARG E 131 2.46 0.99 -4.45
N GLY E 132 2.77 -0.13 -5.08
CA GLY E 132 2.96 -0.18 -6.52
C GLY E 132 4.39 -0.14 -6.98
N GLU E 133 5.36 -0.27 -6.07
CA GLU E 133 6.77 -0.23 -6.42
C GLU E 133 7.31 -1.59 -6.84
N ARG E 134 6.49 -2.63 -6.82
CA ARG E 134 6.92 -3.95 -7.26
C ARG E 134 5.69 -4.75 -7.67
N ALA E 135 5.94 -5.86 -8.34
CA ALA E 135 4.85 -6.72 -8.82
C ALA E 135 4.83 -8.04 -8.06
N LYS F 20 40.42 6.44 -9.99
CA LYS F 20 40.26 5.57 -8.82
C LYS F 20 38.95 4.80 -8.89
N VAL F 21 38.90 3.65 -8.21
CA VAL F 21 37.75 2.77 -8.22
C VAL F 21 37.21 2.68 -6.80
N LEU F 22 35.90 2.87 -6.66
CA LEU F 22 35.23 2.77 -5.37
C LEU F 22 34.52 1.43 -5.26
N ARG F 23 34.61 0.82 -4.08
CA ARG F 23 34.05 -0.51 -3.87
C ARG F 23 33.70 -0.68 -2.40
N ASP F 24 32.58 -1.37 -2.15
CA ASP F 24 32.08 -1.67 -0.82
C ASP F 24 31.89 -0.35 -0.05
N ASN F 25 30.87 0.39 -0.49
CA ASN F 25 30.43 1.58 0.19
C ASN F 25 28.98 1.50 0.67
N ILE F 26 28.24 0.47 0.25
CA ILE F 26 26.90 0.28 0.79
C ILE F 26 26.94 -0.08 2.26
N GLN F 27 28.08 -0.61 2.74
CA GLN F 27 28.26 -0.83 4.17
C GLN F 27 28.47 0.46 4.93
N GLY F 28 28.64 1.58 4.24
CA GLY F 28 28.76 2.87 4.91
C GLY F 28 27.50 3.30 5.61
N ILE F 29 26.35 2.77 5.22
CA ILE F 29 25.10 3.03 5.91
C ILE F 29 25.05 2.12 7.13
N THR F 30 25.55 2.61 8.26
CA THR F 30 25.71 1.79 9.45
C THR F 30 24.35 1.41 10.03
N LYS F 31 24.37 0.37 10.86
CA LYS F 31 23.16 -0.07 11.53
C LYS F 31 22.55 1.02 12.42
N PRO F 32 23.31 1.77 13.23
CA PRO F 32 22.68 2.85 14.00
C PRO F 32 22.02 3.91 13.13
N ALA F 33 22.53 4.18 11.93
CA ALA F 33 21.88 5.14 11.06
C ALA F 33 20.50 4.64 10.62
N ILE F 34 20.40 3.37 10.25
CA ILE F 34 19.11 2.78 9.92
C ILE F 34 18.20 2.80 11.15
N ARG F 35 18.76 2.56 12.33
CA ARG F 35 17.95 2.62 13.54
C ARG F 35 17.38 4.02 13.76
N ARG F 36 18.20 5.05 13.55
CA ARG F 36 17.71 6.42 13.71
C ARG F 36 16.63 6.74 12.68
N LEU F 37 16.84 6.34 11.43
CA LEU F 37 15.82 6.60 10.41
C LEU F 37 14.52 5.90 10.76
N ALA F 38 14.60 4.67 11.27
CA ALA F 38 13.40 3.97 11.70
C ALA F 38 12.74 4.65 12.89
N ARG F 39 13.55 5.12 13.85
CA ARG F 39 12.99 5.76 15.04
C ARG F 39 12.28 7.06 14.69
N ARG F 40 12.73 7.75 13.65
CA ARG F 40 11.97 8.90 13.19
C ARG F 40 10.59 8.50 12.66
N GLY F 41 10.48 7.29 12.13
CA GLY F 41 9.22 6.81 11.60
C GLY F 41 8.25 6.28 12.63
N GLY F 42 8.66 6.20 13.88
CA GLY F 42 7.75 5.78 14.94
C GLY F 42 7.69 4.30 15.20
N VAL F 43 8.78 3.56 14.98
CA VAL F 43 8.83 2.14 15.25
C VAL F 43 9.49 1.92 16.61
N LYS F 44 9.17 0.78 17.22
CA LYS F 44 9.69 0.44 18.54
C LYS F 44 10.75 -0.65 18.49
N ARG F 45 10.49 -1.75 17.81
CA ARG F 45 11.40 -2.88 17.74
C ARG F 45 11.75 -3.17 16.29
N ILE F 46 13.02 -3.45 16.03
CA ILE F 46 13.52 -3.76 14.70
C ILE F 46 14.20 -5.12 14.73
N SER F 47 13.80 -6.01 13.83
CA SER F 47 14.38 -7.34 13.77
C SER F 47 15.78 -7.27 13.18
N GLY F 48 16.49 -8.40 13.24
CA GLY F 48 17.88 -8.43 12.82
C GLY F 48 18.09 -8.46 11.32
N LEU F 49 17.07 -8.81 10.55
CA LEU F 49 17.19 -8.95 9.11
C LEU F 49 16.74 -7.72 8.33
N ILE F 50 16.38 -6.64 9.02
CA ILE F 50 15.88 -5.46 8.35
C ILE F 50 16.98 -4.76 7.55
N TYR F 51 18.21 -4.76 8.08
CA TYR F 51 19.24 -3.87 7.55
C TYR F 51 19.60 -4.19 6.11
N GLU F 52 19.77 -5.46 5.78
CA GLU F 52 20.11 -5.81 4.40
C GLU F 52 19.00 -5.43 3.43
N GLU F 53 17.74 -5.66 3.82
CA GLU F 53 16.63 -5.28 2.97
C GLU F 53 16.58 -3.77 2.75
N THR F 54 16.80 -2.99 3.82
CA THR F 54 16.82 -1.55 3.68
C THR F 54 17.95 -1.08 2.79
N ARG F 55 19.12 -1.70 2.92
CA ARG F 55 20.24 -1.33 2.06
C ARG F 55 19.93 -1.62 0.60
N GLY F 56 19.31 -2.78 0.32
CA GLY F 56 18.93 -3.07 -1.05
C GLY F 56 17.93 -2.09 -1.62
N VAL F 57 16.92 -1.73 -0.83
CA VAL F 57 15.91 -0.78 -1.30
C VAL F 57 16.55 0.58 -1.59
N LEU F 58 17.42 1.04 -0.69
CA LEU F 58 18.10 2.31 -0.91
C LEU F 58 18.96 2.26 -2.15
N LYS F 59 19.67 1.15 -2.37
CA LYS F 59 20.49 1.02 -3.56
C LYS F 59 19.65 1.11 -4.82
N VAL F 60 18.50 0.44 -4.84
CA VAL F 60 17.65 0.49 -6.03
C VAL F 60 17.16 1.92 -6.30
N PHE F 61 16.69 2.60 -5.25
CA PHE F 61 16.16 3.95 -5.43
C PHE F 61 17.25 4.90 -5.92
N LEU F 62 18.43 4.84 -5.32
CA LEU F 62 19.54 5.69 -5.76
C LEU F 62 19.94 5.37 -7.18
N GLU F 63 19.94 4.08 -7.56
CA GLU F 63 20.29 3.72 -8.91
C GLU F 63 19.34 4.36 -9.91
N ASN F 64 18.03 4.29 -9.65
CA ASN F 64 17.08 4.89 -10.57
C ASN F 64 17.29 6.39 -10.70
N VAL F 65 17.37 7.09 -9.55
CA VAL F 65 17.45 8.55 -9.60
C VAL F 65 18.76 8.99 -10.26
N ILE F 66 19.86 8.31 -9.94
CA ILE F 66 21.15 8.70 -10.49
C ILE F 66 21.21 8.40 -11.98
N ARG F 67 20.59 7.31 -12.43
CA ARG F 67 20.55 7.06 -13.87
C ARG F 67 19.81 8.17 -14.60
N ASP F 68 18.67 8.60 -14.06
CA ASP F 68 17.93 9.68 -14.71
C ASP F 68 18.75 10.98 -14.71
N ALA F 69 19.40 11.29 -13.60
CA ALA F 69 20.21 12.51 -13.53
C ALA F 69 21.38 12.46 -14.51
N VAL F 70 22.02 11.30 -14.64
CA VAL F 70 23.14 11.16 -15.55
C VAL F 70 22.68 11.33 -17.00
N THR F 71 21.52 10.76 -17.34
CA THR F 71 20.99 10.99 -18.69
C THR F 71 20.73 12.47 -18.94
N TYR F 72 20.13 13.15 -17.96
CA TYR F 72 19.83 14.58 -18.13
C TYR F 72 21.10 15.39 -18.33
N THR F 73 22.14 15.12 -17.53
CA THR F 73 23.39 15.86 -17.67
C THR F 73 24.17 15.45 -18.91
N GLU F 74 23.92 14.25 -19.44
CA GLU F 74 24.56 13.83 -20.68
C GLU F 74 23.97 14.55 -21.87
N HIS F 75 22.65 14.77 -21.87
CA HIS F 75 22.04 15.47 -23.00
C HIS F 75 22.55 16.90 -23.11
N ALA F 76 22.93 17.52 -21.99
CA ALA F 76 23.38 18.90 -22.00
C ALA F 76 24.84 19.07 -22.35
N LYS F 77 25.58 17.96 -22.55
CA LYS F 77 26.99 17.99 -22.90
C LYS F 77 27.81 18.68 -21.81
N ARG F 78 27.62 18.22 -20.57
CA ARG F 78 28.36 18.72 -19.41
C ARG F 78 29.01 17.55 -18.69
N LYS F 79 29.93 17.88 -17.79
CA LYS F 79 30.64 16.87 -17.02
C LYS F 79 30.38 16.95 -15.52
N THR F 80 29.57 17.90 -15.06
CA THR F 80 29.23 18.03 -13.65
C THR F 80 27.72 17.90 -13.49
N VAL F 81 27.29 17.09 -12.53
CA VAL F 81 25.87 16.92 -12.25
C VAL F 81 25.40 18.06 -11.34
N THR F 82 24.49 18.87 -11.86
CA THR F 82 23.97 20.01 -11.12
C THR F 82 22.79 19.58 -10.25
N ALA F 83 22.48 20.41 -9.26
CA ALA F 83 21.32 20.16 -8.41
C ALA F 83 20.03 20.22 -9.22
N MET F 84 20.01 21.05 -10.26
CA MET F 84 18.84 21.17 -11.11
C MET F 84 18.50 19.85 -11.80
N ASP F 85 19.53 19.11 -12.25
CA ASP F 85 19.29 17.80 -12.82
C ASP F 85 18.66 16.85 -11.81
N VAL F 86 19.13 16.90 -10.56
CA VAL F 86 18.61 16.01 -9.53
C VAL F 86 17.15 16.32 -9.23
N VAL F 87 16.82 17.60 -9.04
CA VAL F 87 15.43 17.94 -8.74
C VAL F 87 14.54 17.65 -9.94
N TYR F 88 15.09 17.78 -11.15
CA TYR F 88 14.30 17.55 -12.34
C TYR F 88 13.99 16.06 -12.50
N ALA F 89 14.99 15.21 -12.23
CA ALA F 89 14.76 13.77 -12.25
C ALA F 89 13.77 13.35 -11.16
N LEU F 90 13.90 13.92 -9.96
CA LEU F 90 12.95 13.59 -8.90
C LEU F 90 11.53 13.97 -9.29
N LYS F 91 11.37 15.13 -9.93
CA LYS F 91 10.05 15.51 -10.44
C LYS F 91 9.56 14.53 -11.49
N ARG F 92 10.46 14.09 -12.37
CA ARG F 92 10.08 13.12 -13.39
C ARG F 92 9.62 11.80 -12.78
N GLN F 93 10.17 11.44 -11.62
CA GLN F 93 9.79 10.20 -10.96
C GLN F 93 8.55 10.34 -10.09
N GLY F 94 7.96 11.53 -10.02
CA GLY F 94 6.77 11.73 -9.22
C GLY F 94 7.01 12.16 -7.79
N ARG F 95 8.24 12.51 -7.42
CA ARG F 95 8.59 12.95 -6.07
C ARG F 95 9.17 14.35 -6.18
N THR F 96 8.30 15.36 -6.16
CA THR F 96 8.75 16.74 -6.27
C THR F 96 9.48 17.16 -5.00
N LEU F 97 10.57 17.91 -5.16
CA LEU F 97 11.38 18.39 -4.06
C LEU F 97 11.39 19.91 -4.07
N TYR F 98 11.20 20.52 -2.90
CA TYR F 98 11.19 21.97 -2.76
C TYR F 98 12.43 22.43 -2.00
N GLY F 99 12.90 23.61 -2.34
CA GLY F 99 13.99 24.23 -1.62
C GLY F 99 15.35 24.16 -2.25
N PHE F 100 15.46 23.67 -3.48
CA PHE F 100 16.74 23.58 -4.17
C PHE F 100 16.66 24.24 -5.54
N GLY F 101 15.96 25.37 -5.62
CA GLY F 101 15.87 26.13 -6.84
C GLY F 101 14.76 25.71 -7.79
N GLY F 102 14.01 24.67 -7.47
CA GLY F 102 12.94 24.21 -8.33
C GLY F 102 11.79 23.55 -7.60
N ARG G 11 8.78 17.36 -63.40
CA ARG G 11 8.77 16.98 -62.00
C ARG G 11 9.10 15.49 -61.84
N ALA G 12 9.81 15.16 -60.76
CA ALA G 12 10.11 13.78 -60.46
C ALA G 12 8.89 13.08 -59.87
N LYS G 13 8.88 11.76 -59.97
CA LYS G 13 7.80 10.97 -59.39
C LYS G 13 7.88 10.99 -57.87
N ALA G 14 6.73 11.13 -57.23
CA ALA G 14 6.69 11.28 -55.77
C ALA G 14 7.10 9.99 -55.08
N LYS G 15 7.88 10.11 -54.02
CA LYS G 15 8.28 8.99 -53.18
C LYS G 15 8.00 9.36 -51.74
N THR G 16 7.15 8.58 -51.08
CA THR G 16 6.80 8.85 -49.69
C THR G 16 8.03 8.72 -48.79
N ARG G 17 8.10 9.57 -47.77
CA ARG G 17 9.23 9.54 -46.86
C ARG G 17 9.30 8.23 -46.07
N SER G 18 8.15 7.60 -45.81
CA SER G 18 8.16 6.29 -45.18
C SER G 18 8.87 5.26 -46.06
N SER G 19 8.64 5.32 -47.37
CA SER G 19 9.35 4.43 -48.28
C SER G 19 10.85 4.73 -48.29
N ARG G 20 11.22 6.02 -48.23
CA ARG G 20 12.63 6.38 -48.20
C ARG G 20 13.31 5.84 -46.95
N ALA G 21 12.65 5.93 -45.80
CA ALA G 21 13.22 5.44 -44.55
C ALA G 21 12.98 3.96 -44.32
N GLY G 22 12.27 3.28 -45.22
CA GLY G 22 11.96 1.88 -45.04
C GLY G 22 11.02 1.60 -43.89
N LEU G 23 10.03 2.46 -43.68
CA LEU G 23 9.10 2.32 -42.59
C LEU G 23 7.69 2.07 -43.12
N GLN G 24 6.80 1.64 -42.22
CA GLN G 24 5.40 1.45 -42.54
C GLN G 24 4.53 2.60 -42.05
N PHE G 25 4.89 3.23 -40.95
CA PHE G 25 4.13 4.34 -40.40
C PHE G 25 4.35 5.60 -41.23
N PRO G 26 3.37 6.51 -41.24
CA PRO G 26 3.49 7.71 -42.10
C PRO G 26 4.34 8.78 -41.43
N VAL G 27 5.43 9.16 -42.11
CA VAL G 27 6.28 10.22 -41.60
C VAL G 27 5.59 11.57 -41.71
N GLY G 28 4.91 11.81 -42.83
CA GLY G 28 4.26 13.11 -43.03
C GLY G 28 3.18 13.39 -42.01
N ARG G 29 2.40 12.38 -41.66
CA ARG G 29 1.34 12.57 -40.66
C ARG G 29 1.93 12.94 -39.30
N VAL G 30 3.00 12.25 -38.91
CA VAL G 30 3.65 12.56 -37.63
C VAL G 30 4.24 13.96 -37.67
N HIS G 31 4.84 14.35 -38.79
CA HIS G 31 5.38 15.69 -38.92
C HIS G 31 4.30 16.74 -38.78
N ARG G 32 3.15 16.52 -39.43
CA ARG G 32 2.04 17.47 -39.32
C ARG G 32 1.54 17.55 -37.89
N LEU G 33 1.42 16.41 -37.22
CA LEU G 33 0.95 16.42 -35.82
C LEU G 33 1.92 17.16 -34.92
N LEU G 34 3.22 16.96 -35.12
CA LEU G 34 4.21 17.68 -34.31
C LEU G 34 4.15 19.18 -34.58
N ARG G 35 3.96 19.57 -35.85
CA ARG G 35 3.90 20.99 -36.17
C ARG G 35 2.65 21.64 -35.58
N LYS G 36 1.51 20.95 -35.63
CA LYS G 36 0.25 21.53 -35.18
C LYS G 36 -0.07 21.25 -33.73
N GLY G 37 0.77 20.53 -33.02
CA GLY G 37 0.51 20.20 -31.63
C GLY G 37 0.96 21.22 -30.62
N ASN G 38 1.53 22.34 -31.06
CA ASN G 38 2.00 23.41 -30.16
C ASN G 38 3.03 22.89 -29.17
N TYR G 39 3.90 21.99 -29.63
CA TYR G 39 5.00 21.50 -28.82
C TYR G 39 6.20 22.43 -28.91
N SER G 40 6.53 22.90 -30.11
CA SER G 40 7.61 23.86 -30.26
C SER G 40 7.36 24.68 -31.52
N GLU G 41 8.05 25.82 -31.60
CA GLU G 41 7.87 26.72 -32.74
C GLU G 41 8.59 26.22 -33.99
N ARG G 42 9.73 25.54 -33.86
CA ARG G 42 10.37 24.94 -35.02
C ARG G 42 10.68 23.47 -34.75
N VAL G 43 10.55 22.66 -35.80
CA VAL G 43 10.67 21.21 -35.72
C VAL G 43 11.72 20.75 -36.73
N GLY G 44 12.66 19.92 -36.28
CA GLY G 44 13.71 19.45 -37.15
C GLY G 44 13.23 18.48 -38.21
N ALA G 45 14.12 18.21 -39.17
CA ALA G 45 13.76 17.34 -40.29
C ALA G 45 13.77 15.87 -39.90
N GLY G 46 14.69 15.47 -39.01
CA GLY G 46 14.86 14.07 -38.66
C GLY G 46 13.98 13.54 -37.56
N ALA G 47 13.29 14.40 -36.82
CA ALA G 47 12.46 13.94 -35.71
C ALA G 47 11.33 13.01 -36.16
N PRO G 48 10.55 13.33 -37.20
CA PRO G 48 9.46 12.42 -37.57
C PRO G 48 9.91 11.02 -37.90
N VAL G 49 11.08 10.87 -38.54
CA VAL G 49 11.57 9.54 -38.88
C VAL G 49 11.84 8.74 -37.60
N TYR G 50 12.50 9.38 -36.64
CA TYR G 50 12.80 8.71 -35.37
C TYR G 50 11.52 8.30 -34.65
N LEU G 51 10.55 9.22 -34.58
CA LEU G 51 9.32 8.91 -33.86
C LEU G 51 8.54 7.79 -34.55
N ALA G 52 8.47 7.82 -35.88
CA ALA G 52 7.78 6.76 -36.59
C ALA G 52 8.45 5.42 -36.38
N ALA G 53 9.79 5.39 -36.42
CA ALA G 53 10.50 4.13 -36.20
C ALA G 53 10.22 3.58 -34.80
N VAL G 54 10.25 4.44 -33.79
CA VAL G 54 10.01 3.99 -32.42
C VAL G 54 8.60 3.43 -32.28
N LEU G 55 7.61 4.15 -32.82
CA LEU G 55 6.23 3.69 -32.70
C LEU G 55 6.02 2.37 -33.43
N GLU G 56 6.61 2.22 -34.62
CA GLU G 56 6.48 0.97 -35.35
C GLU G 56 7.12 -0.18 -34.59
N TYR G 57 8.29 0.04 -33.99
CA TYR G 57 8.94 -1.01 -33.24
C TYR G 57 8.08 -1.45 -32.05
N LEU G 58 7.54 -0.49 -31.30
CA LEU G 58 6.72 -0.85 -30.15
C LEU G 58 5.47 -1.62 -30.59
N THR G 59 4.81 -1.16 -31.65
CA THR G 59 3.61 -1.84 -32.11
C THR G 59 3.90 -3.26 -32.56
N ALA G 60 5.00 -3.46 -33.30
CA ALA G 60 5.37 -4.80 -33.72
C ALA G 60 5.68 -5.69 -32.52
N GLU G 61 6.37 -5.14 -31.52
CA GLU G 61 6.73 -5.93 -30.36
C GLU G 61 5.48 -6.39 -29.60
N ILE G 62 4.49 -5.51 -29.46
CA ILE G 62 3.26 -5.91 -28.77
C ILE G 62 2.50 -6.93 -29.61
N LEU G 63 2.41 -6.71 -30.92
CA LEU G 63 1.60 -7.59 -31.75
C LEU G 63 2.19 -8.99 -31.85
N GLU G 64 3.51 -9.13 -31.80
CA GLU G 64 4.10 -10.47 -31.82
C GLU G 64 3.64 -11.30 -30.64
N LEU G 65 3.71 -10.72 -29.42
CA LEU G 65 3.26 -11.44 -28.24
C LEU G 65 1.76 -11.69 -28.28
N ALA G 66 0.98 -10.72 -28.77
CA ALA G 66 -0.46 -10.94 -28.88
C ALA G 66 -0.77 -12.10 -29.83
N GLY G 67 -0.07 -12.18 -30.95
CA GLY G 67 -0.28 -13.28 -31.87
C GLY G 67 0.12 -14.62 -31.27
N ASN G 68 1.23 -14.65 -30.54
CA ASN G 68 1.61 -15.89 -29.86
C ASN G 68 0.54 -16.34 -28.87
N ALA G 69 0.01 -15.39 -28.08
CA ALA G 69 -1.04 -15.75 -27.13
C ALA G 69 -2.29 -16.23 -27.83
N ALA G 70 -2.69 -15.59 -28.92
CA ALA G 70 -3.87 -16.01 -29.65
C ALA G 70 -3.68 -17.39 -30.26
N ARG G 71 -2.50 -17.67 -30.80
CA ARG G 71 -2.21 -18.99 -31.34
C ARG G 71 -2.25 -20.05 -30.25
N ASP G 72 -1.76 -19.71 -29.05
CA ASP G 72 -1.78 -20.66 -27.94
C ASP G 72 -3.19 -21.05 -27.53
N ASN G 73 -4.19 -20.23 -27.86
CA ASN G 73 -5.57 -20.48 -27.47
C ASN G 73 -6.40 -21.06 -28.61
N LYS G 74 -5.76 -21.53 -29.67
CA LYS G 74 -6.45 -22.12 -30.83
C LYS G 74 -7.43 -21.12 -31.43
N LYS G 75 -6.96 -19.89 -31.63
CA LYS G 75 -7.75 -18.82 -32.21
C LYS G 75 -6.98 -18.18 -33.35
N THR G 76 -7.71 -17.60 -34.30
CA THR G 76 -7.13 -16.94 -35.45
C THR G 76 -7.08 -15.42 -35.30
N ARG G 77 -8.15 -14.80 -34.82
CA ARG G 77 -8.22 -13.36 -34.68
C ARG G 77 -7.87 -12.93 -33.26
N ILE G 78 -7.35 -11.71 -33.14
CA ILE G 78 -6.89 -11.18 -31.87
C ILE G 78 -8.02 -10.42 -31.19
N ILE G 79 -8.24 -10.71 -29.92
CA ILE G 79 -9.27 -10.05 -29.12
C ILE G 79 -8.56 -9.39 -27.94
N PRO G 80 -9.19 -8.41 -27.29
CA PRO G 80 -8.50 -7.67 -26.21
C PRO G 80 -7.97 -8.55 -25.09
N ARG G 81 -8.57 -9.72 -24.85
CA ARG G 81 -8.06 -10.61 -23.81
C ARG G 81 -6.63 -11.04 -24.12
N HIS G 82 -6.34 -11.32 -25.39
CA HIS G 82 -4.97 -11.69 -25.77
C HIS G 82 -4.01 -10.54 -25.53
N LEU G 83 -4.42 -9.31 -25.85
CA LEU G 83 -3.57 -8.16 -25.57
C LEU G 83 -3.30 -8.01 -24.08
N GLN G 84 -4.34 -8.21 -23.26
CA GLN G 84 -4.15 -8.11 -21.82
C GLN G 84 -3.18 -9.16 -21.30
N LEU G 85 -3.33 -10.41 -21.78
CA LEU G 85 -2.40 -11.46 -21.36
C LEU G 85 -0.97 -11.13 -21.77
N ALA G 86 -0.78 -10.69 -23.01
CA ALA G 86 0.56 -10.37 -23.49
C ALA G 86 1.18 -9.22 -22.70
N ILE G 87 0.39 -8.19 -22.40
CA ILE G 87 0.92 -7.05 -21.66
C ILE G 87 1.28 -7.47 -20.23
N ARG G 88 0.38 -8.19 -19.56
CA ARG G 88 0.60 -8.51 -18.16
C ARG G 88 1.63 -9.61 -17.96
N ASN G 89 1.99 -10.35 -19.01
CA ASN G 89 2.96 -11.42 -18.87
C ASN G 89 4.38 -11.01 -19.27
N ASP G 90 4.60 -9.75 -19.60
CA ASP G 90 5.92 -9.24 -19.96
C ASP G 90 6.31 -8.14 -18.99
N GLU G 91 7.53 -8.21 -18.46
CA GLU G 91 7.92 -7.29 -17.40
C GLU G 91 8.05 -5.85 -17.91
N GLU G 92 8.77 -5.66 -19.02
CA GLU G 92 9.00 -4.30 -19.51
C GLU G 92 7.70 -3.65 -19.95
N LEU G 93 6.86 -4.37 -20.68
CA LEU G 93 5.59 -3.81 -21.12
C LEU G 93 4.67 -3.52 -19.93
N ASN G 94 4.72 -4.38 -18.91
CA ASN G 94 3.94 -4.13 -17.70
C ASN G 94 4.41 -2.86 -17.00
N LYS G 95 5.73 -2.66 -16.92
CA LYS G 95 6.25 -1.42 -16.35
C LYS G 95 5.82 -0.21 -17.14
N LEU G 96 5.84 -0.32 -18.47
CA LEU G 96 5.46 0.82 -19.31
C LEU G 96 3.98 1.15 -19.18
N LEU G 97 3.13 0.15 -18.98
CA LEU G 97 1.68 0.32 -18.93
C LEU G 97 1.12 -0.02 -17.57
N GLY G 98 1.78 0.47 -16.51
CA GLY G 98 1.35 0.12 -15.16
C GLY G 98 -0.01 0.70 -14.80
N ARG G 99 -0.29 1.93 -15.22
CA ARG G 99 -1.51 2.63 -14.85
C ARG G 99 -2.49 2.72 -16.01
N VAL G 100 -2.58 1.66 -16.82
CA VAL G 100 -3.43 1.65 -18.00
C VAL G 100 -4.44 0.52 -17.86
N THR G 101 -5.70 0.84 -18.10
CA THR G 101 -6.80 -0.12 -18.04
C THR G 101 -7.23 -0.47 -19.46
N ILE G 102 -7.36 -1.76 -19.74
CA ILE G 102 -7.76 -2.26 -21.05
C ILE G 102 -9.18 -2.79 -20.93
N ALA G 103 -10.09 -2.23 -21.73
CA ALA G 103 -11.49 -2.63 -21.67
C ALA G 103 -11.66 -4.07 -22.15
N GLN G 104 -12.49 -4.82 -21.42
CA GLN G 104 -12.70 -6.24 -21.69
C GLN G 104 -11.38 -7.00 -21.69
N GLY G 105 -10.52 -6.70 -20.71
CA GLY G 105 -9.24 -7.34 -20.60
C GLY G 105 -9.20 -8.50 -19.63
N GLY G 106 -10.04 -8.45 -18.61
CA GLY G 106 -10.04 -9.49 -17.61
C GLY G 106 -8.88 -9.35 -16.63
N VAL G 107 -8.54 -10.47 -16.01
CA VAL G 107 -7.48 -10.52 -15.01
C VAL G 107 -6.67 -11.79 -15.20
N LEU G 108 -5.37 -11.70 -14.96
CA LEU G 108 -4.51 -12.87 -15.04
C LEU G 108 -4.93 -13.91 -14.01
N PRO G 109 -5.08 -15.17 -14.41
CA PRO G 109 -5.48 -16.20 -13.43
C PRO G 109 -4.43 -16.45 -12.38
N ASN G 110 -4.74 -16.12 -11.13
CA ASN G 110 -3.82 -16.35 -10.02
C ASN G 110 -4.62 -16.54 -8.74
N ILE G 111 -4.19 -17.50 -7.92
CA ILE G 111 -4.82 -17.80 -6.65
C ILE G 111 -3.73 -18.02 -5.61
N GLN G 112 -3.90 -17.43 -4.43
CA GLN G 112 -2.93 -17.62 -3.36
C GLN G 112 -2.88 -19.08 -2.93
N ALA G 113 -1.68 -19.55 -2.59
CA ALA G 113 -1.50 -20.97 -2.30
C ALA G 113 -2.13 -21.37 -0.97
N VAL G 114 -2.31 -20.42 -0.05
CA VAL G 114 -2.90 -20.74 1.24
C VAL G 114 -4.38 -21.08 1.09
N LEU G 115 -5.08 -20.39 0.18
CA LEU G 115 -6.49 -20.67 -0.03
C LEU G 115 -6.73 -22.05 -0.63
N LEU G 116 -5.73 -22.66 -1.25
CA LEU G 116 -5.91 -23.97 -1.85
C LEU G 116 -6.18 -25.01 -0.77
N PRO G 117 -7.03 -25.99 -1.09
CA PRO G 117 -7.39 -27.06 -0.15
C PRO G 117 -6.17 -27.94 0.19
N LYS G 118 -6.27 -28.72 1.28
CA LYS G 118 -5.17 -29.61 1.71
C LYS G 118 -5.48 -31.05 1.27
N ARG H 31 -19.56 15.51 -41.81
CA ARG H 31 -19.02 14.88 -43.02
C ARG H 31 -17.50 14.94 -43.05
N SER H 32 -16.92 15.43 -41.96
CA SER H 32 -15.48 15.65 -41.90
C SER H 32 -14.72 14.34 -41.97
N ARG H 33 -13.54 14.39 -42.59
CA ARG H 33 -12.68 13.23 -42.68
C ARG H 33 -12.13 12.87 -41.31
N LYS H 34 -12.09 11.57 -41.02
CA LYS H 34 -11.61 11.08 -39.73
C LYS H 34 -10.18 10.56 -39.88
N GLU H 35 -9.43 10.65 -38.79
CA GLU H 35 -7.99 10.40 -38.82
C GLU H 35 -7.67 9.28 -37.82
N SER H 36 -6.95 8.26 -38.27
CA SER H 36 -6.62 7.13 -37.42
C SER H 36 -5.46 6.36 -38.02
N TYR H 37 -4.93 5.43 -37.22
CA TYR H 37 -3.78 4.60 -37.61
C TYR H 37 -4.20 3.16 -37.93
N SER H 38 -5.43 2.98 -38.41
CA SER H 38 -5.95 1.61 -38.57
C SER H 38 -5.15 0.82 -39.59
N ILE H 39 -4.79 1.44 -40.71
CA ILE H 39 -4.15 0.69 -41.80
C ILE H 39 -2.74 0.26 -41.42
N TYR H 40 -1.97 1.17 -40.80
CA TYR H 40 -0.57 0.87 -40.53
C TYR H 40 -0.40 -0.22 -39.48
N VAL H 41 -1.30 -0.28 -38.51
CA VAL H 41 -1.28 -1.40 -37.57
C VAL H 41 -1.56 -2.71 -38.32
N TYR H 42 -2.46 -2.65 -39.30
CA TYR H 42 -2.71 -3.82 -40.13
C TYR H 42 -1.49 -4.21 -40.94
N LYS H 43 -0.78 -3.23 -41.51
CA LYS H 43 0.41 -3.55 -42.29
C LYS H 43 1.48 -4.20 -41.43
N VAL H 44 1.67 -3.71 -40.21
CA VAL H 44 2.65 -4.30 -39.30
C VAL H 44 2.25 -5.73 -38.94
N LEU H 45 0.96 -5.94 -38.69
CA LEU H 45 0.49 -7.27 -38.29
C LEU H 45 0.75 -8.30 -39.38
N LYS H 46 0.52 -7.94 -40.64
CA LYS H 46 0.75 -8.87 -41.73
C LYS H 46 2.21 -9.27 -41.83
N GLN H 47 3.13 -8.36 -41.53
CA GLN H 47 4.55 -8.66 -41.61
C GLN H 47 4.96 -9.71 -40.59
N VAL H 48 4.45 -9.61 -39.38
CA VAL H 48 4.87 -10.52 -38.30
C VAL H 48 4.06 -11.82 -38.33
N HIS H 49 2.74 -11.72 -38.42
CA HIS H 49 1.85 -12.88 -38.46
C HIS H 49 1.04 -12.81 -39.75
N PRO H 50 1.49 -13.45 -40.81
CA PRO H 50 0.81 -13.30 -42.11
C PRO H 50 -0.61 -13.83 -42.14
N ASP H 51 -0.98 -14.77 -41.26
CA ASP H 51 -2.28 -15.42 -41.33
C ASP H 51 -3.14 -15.15 -40.09
N THR H 52 -2.90 -14.04 -39.40
CA THR H 52 -3.66 -13.69 -38.20
C THR H 52 -4.44 -12.42 -38.44
N GLY H 53 -5.75 -12.48 -38.20
CA GLY H 53 -6.60 -11.31 -38.33
C GLY H 53 -6.76 -10.57 -37.02
N ILE H 54 -7.43 -9.42 -37.09
CA ILE H 54 -7.68 -8.58 -35.94
C ILE H 54 -9.13 -8.13 -35.96
N SER H 55 -9.66 -7.80 -34.79
CA SER H 55 -11.05 -7.42 -34.64
C SER H 55 -11.18 -5.91 -34.50
N SER H 56 -12.41 -5.41 -34.69
CA SER H 56 -12.65 -3.98 -34.59
C SER H 56 -12.40 -3.47 -33.19
N LYS H 57 -12.80 -4.24 -32.17
CA LYS H 57 -12.55 -3.82 -30.79
C LYS H 57 -11.06 -3.79 -30.49
N ALA H 58 -10.28 -4.72 -31.06
CA ALA H 58 -8.86 -4.74 -30.82
C ALA H 58 -8.18 -3.50 -31.39
N MET H 59 -8.59 -3.07 -32.58
CA MET H 59 -7.99 -1.88 -33.18
C MET H 59 -8.28 -0.64 -32.36
N GLY H 60 -9.41 -0.62 -31.63
CA GLY H 60 -9.69 0.52 -30.78
C GLY H 60 -8.65 0.70 -29.69
N ILE H 61 -8.18 -0.41 -29.13
CA ILE H 61 -7.12 -0.33 -28.12
C ILE H 61 -5.79 0.07 -28.76
N MET H 62 -5.49 -0.49 -29.93
CA MET H 62 -4.21 -0.19 -30.58
C MET H 62 -4.13 1.27 -30.99
N ASN H 63 -5.25 1.85 -31.44
CA ASN H 63 -5.24 3.26 -31.80
C ASN H 63 -4.94 4.15 -30.60
N SER H 64 -5.52 3.84 -29.45
CA SER H 64 -5.25 4.64 -28.26
C SER H 64 -3.82 4.47 -27.77
N PHE H 65 -3.26 3.26 -27.91
CA PHE H 65 -1.90 3.02 -27.46
C PHE H 65 -0.91 3.85 -28.26
N VAL H 66 -1.07 3.90 -29.58
CA VAL H 66 -0.14 4.68 -30.41
C VAL H 66 -0.21 6.15 -30.05
N ASN H 67 -1.42 6.68 -29.85
CA ASN H 67 -1.56 8.08 -29.45
C ASN H 67 -0.94 8.33 -28.09
N ASP H 68 -1.17 7.42 -27.13
CA ASP H 68 -0.70 7.63 -25.78
C ASP H 68 0.82 7.71 -25.73
N ILE H 69 1.51 6.83 -26.46
CA ILE H 69 2.96 6.88 -26.51
C ILE H 69 3.43 8.13 -27.22
N PHE H 70 2.68 8.58 -28.24
CA PHE H 70 3.08 9.77 -28.98
C PHE H 70 3.12 11.00 -28.07
N GLU H 71 2.09 11.20 -27.25
CA GLU H 71 2.08 12.36 -26.36
C GLU H 71 3.14 12.25 -25.27
N ARG H 72 3.48 11.04 -24.83
CA ARG H 72 4.49 10.90 -23.79
C ARG H 72 5.87 11.26 -24.31
N ILE H 73 6.23 10.75 -25.49
CA ILE H 73 7.57 11.01 -26.03
C ILE H 73 7.69 12.46 -26.47
N ALA H 74 6.69 12.98 -27.18
CA ALA H 74 6.76 14.36 -27.65
C ALA H 74 6.75 15.34 -26.49
N GLY H 75 5.94 15.07 -25.47
CA GLY H 75 5.90 15.96 -24.32
C GLY H 75 7.22 16.03 -23.58
N GLU H 76 7.88 14.88 -23.40
CA GLU H 76 9.21 14.87 -22.79
C GLU H 76 10.22 15.60 -23.66
N ALA H 77 10.18 15.37 -24.98
CA ALA H 77 11.10 16.06 -25.87
C ALA H 77 10.83 17.56 -25.90
N SER H 78 9.55 17.95 -25.84
CA SER H 78 9.22 19.37 -25.81
C SER H 78 9.78 20.04 -24.58
N ARG H 79 9.76 19.34 -23.45
CA ARG H 79 10.30 19.92 -22.22
C ARG H 79 11.79 20.20 -22.34
N LEU H 80 12.53 19.25 -22.92
CA LEU H 80 13.99 19.36 -22.97
C LEU H 80 14.44 20.58 -23.77
N ALA H 81 13.69 20.95 -24.82
CA ALA H 81 14.08 22.09 -25.64
C ALA H 81 14.03 23.39 -24.84
N HIS H 82 12.94 23.63 -24.12
CA HIS H 82 12.88 24.77 -23.23
C HIS H 82 13.82 24.61 -22.05
N TYR H 83 14.29 23.40 -21.79
CA TYR H 83 15.07 23.12 -20.60
C TYR H 83 16.50 23.61 -20.74
N ASN H 84 17.07 23.50 -21.94
CA ASN H 84 18.43 23.94 -22.22
C ASN H 84 18.48 25.22 -23.02
N LYS H 85 17.37 25.96 -23.06
CA LYS H 85 17.25 27.22 -23.80
C LYS H 85 17.53 27.01 -25.28
N ARG H 86 16.77 26.08 -25.87
CA ARG H 86 16.85 25.76 -27.29
C ARG H 86 15.49 25.93 -27.94
N SER H 87 15.51 25.98 -29.27
CA SER H 87 14.32 26.33 -30.05
C SER H 87 13.79 25.21 -30.93
N THR H 88 14.64 24.32 -31.43
CA THR H 88 14.25 23.29 -32.37
C THR H 88 14.31 21.91 -31.71
N ILE H 89 13.43 21.03 -32.17
CA ILE H 89 13.40 19.65 -31.73
C ILE H 89 14.00 18.79 -32.84
N THR H 90 15.13 18.15 -32.55
CA THR H 90 15.81 17.31 -33.52
C THR H 90 15.87 15.88 -32.99
N SER H 91 16.58 15.02 -33.73
CA SER H 91 16.64 13.60 -33.36
C SER H 91 17.28 13.39 -32.00
N ARG H 92 18.20 14.27 -31.59
CA ARG H 92 18.86 14.11 -30.30
C ARG H 92 17.87 14.24 -29.16
N GLU H 93 16.92 15.17 -29.26
CA GLU H 93 15.91 15.31 -28.22
C GLU H 93 15.02 14.07 -28.15
N ILE H 94 14.63 13.52 -29.31
CA ILE H 94 13.79 12.33 -29.31
C ILE H 94 14.59 11.13 -28.79
N GLN H 95 15.88 11.06 -29.13
CA GLN H 95 16.70 9.95 -28.66
C GLN H 95 16.82 9.94 -27.14
N THR H 96 17.03 11.11 -26.55
CA THR H 96 17.12 11.19 -25.09
C THR H 96 15.77 10.92 -24.44
N ALA H 97 14.69 11.43 -25.03
CA ALA H 97 13.36 11.22 -24.47
C ALA H 97 12.99 9.75 -24.46
N VAL H 98 13.45 8.98 -25.46
CA VAL H 98 13.17 7.55 -25.49
C VAL H 98 13.85 6.85 -24.32
N ARG H 99 15.10 7.21 -24.03
CA ARG H 99 15.84 6.55 -22.95
C ARG H 99 15.25 6.87 -21.59
N LEU H 100 14.61 8.03 -21.44
CA LEU H 100 14.03 8.39 -20.15
C LEU H 100 12.73 7.66 -19.87
N LEU H 101 11.97 7.31 -20.91
CA LEU H 101 10.65 6.74 -20.72
C LEU H 101 10.66 5.22 -20.69
N LEU H 102 11.31 4.60 -21.67
CA LEU H 102 11.25 3.15 -21.82
C LEU H 102 12.09 2.47 -20.74
N PRO H 103 11.72 1.25 -20.36
CA PRO H 103 12.53 0.49 -19.39
C PRO H 103 13.84 0.03 -19.98
N GLY H 104 14.60 -0.76 -19.20
CA GLY H 104 15.96 -1.11 -19.55
C GLY H 104 16.19 -1.69 -20.92
N GLU H 105 15.67 -2.89 -21.19
CA GLU H 105 15.97 -3.55 -22.45
C GLU H 105 15.21 -2.95 -23.62
N LEU H 106 14.03 -2.38 -23.39
CA LEU H 106 13.30 -1.74 -24.47
C LEU H 106 14.04 -0.53 -25.00
N ALA H 107 14.72 0.21 -24.13
CA ALA H 107 15.42 1.41 -24.55
C ALA H 107 16.56 1.08 -25.52
N LYS H 108 17.27 -0.02 -25.26
CA LYS H 108 18.42 -0.36 -26.10
C LYS H 108 17.99 -0.68 -27.52
N HIS H 109 16.93 -1.47 -27.69
CA HIS H 109 16.52 -1.90 -29.02
C HIS H 109 15.78 -0.80 -29.77
N ALA H 110 14.96 -0.01 -29.07
CA ALA H 110 14.23 1.06 -29.73
C ALA H 110 15.18 2.14 -30.25
N VAL H 111 16.22 2.46 -29.47
CA VAL H 111 17.19 3.46 -29.91
C VAL H 111 17.93 2.98 -31.15
N SER H 112 18.30 1.69 -31.19
CA SER H 112 18.95 1.14 -32.36
C SER H 112 18.02 1.20 -33.57
N GLU H 113 16.73 0.94 -33.37
CA GLU H 113 15.78 0.99 -34.48
C GLU H 113 15.70 2.39 -35.07
N GLY H 114 15.66 3.42 -34.23
CA GLY H 114 15.62 4.78 -34.73
C GLY H 114 16.89 5.17 -35.48
N THR H 115 18.05 4.75 -34.97
CA THR H 115 19.31 5.08 -35.62
C THR H 115 19.38 4.47 -37.01
N LYS H 116 18.89 3.24 -37.17
CA LYS H 116 18.90 2.62 -38.49
C LYS H 116 18.04 3.39 -39.47
N ALA H 117 16.88 3.88 -39.02
CA ALA H 117 15.99 4.60 -39.91
C ALA H 117 16.60 5.91 -40.39
N VAL H 118 17.20 6.67 -39.48
CA VAL H 118 17.77 7.97 -39.84
C VAL H 118 18.95 7.79 -40.78
N THR H 119 19.79 6.78 -40.52
CA THR H 119 20.95 6.55 -41.37
C THR H 119 20.53 6.20 -42.80
N LYS H 120 19.52 5.34 -42.94
CA LYS H 120 19.04 5.00 -44.27
C LYS H 120 18.42 6.21 -44.97
N TYR H 121 17.66 7.01 -44.23
CA TYR H 121 17.02 8.20 -44.81
C TYR H 121 18.07 9.20 -45.27
N THR H 122 19.11 9.43 -44.47
CA THR H 122 20.12 10.41 -44.83
C THR H 122 20.88 10.01 -46.07
N SER H 123 21.27 8.73 -46.17
CA SER H 123 22.05 8.27 -47.32
C SER H 123 21.25 8.39 -48.61
N ALA H 124 19.96 8.05 -48.57
CA ALA H 124 19.12 8.13 -49.76
C ALA H 124 18.85 9.58 -50.14
N LEU K 52 25.82 1.39 -31.14
CA LEU K 52 24.46 1.82 -30.83
C LEU K 52 23.43 0.89 -31.47
N ILE K 53 23.89 0.00 -32.34
CA ILE K 53 23.04 -0.95 -33.03
C ILE K 53 23.19 -2.32 -32.38
N VAL K 54 22.09 -2.85 -31.87
CA VAL K 54 22.09 -4.12 -31.15
C VAL K 54 21.66 -5.23 -32.10
N GLU K 55 22.36 -6.35 -32.02
CA GLU K 55 22.10 -7.50 -32.87
C GLU K 55 21.23 -8.52 -32.14
N GLY K 56 20.44 -9.26 -32.90
CA GLY K 56 19.58 -10.27 -32.32
C GLY K 56 18.30 -9.69 -31.76
N LYS K 57 17.55 -10.57 -31.10
CA LYS K 57 16.28 -10.20 -30.50
C LYS K 57 16.50 -9.64 -29.09
N ARG K 58 15.42 -9.44 -28.35
CA ARG K 58 15.48 -8.91 -27.00
C ARG K 58 15.08 -9.98 -26.00
N GLU K 59 15.85 -10.11 -24.92
CA GLU K 59 15.53 -11.10 -23.90
C GLU K 59 14.22 -10.74 -23.21
N LYS K 60 13.42 -11.77 -22.94
CA LYS K 60 12.09 -11.59 -22.34
C LYS K 60 12.11 -12.18 -20.94
N LYS K 61 11.84 -11.35 -19.94
CA LYS K 61 11.83 -11.79 -18.56
C LYS K 61 10.41 -12.16 -18.13
N LYS K 62 10.31 -12.81 -16.97
CA LYS K 62 9.04 -13.24 -16.40
C LYS K 62 8.78 -12.47 -15.12
N VAL K 63 7.53 -12.03 -14.96
CA VAL K 63 7.16 -11.21 -13.82
C VAL K 63 7.02 -12.10 -12.58
N GLU K 64 7.67 -11.69 -11.49
CA GLU K 64 7.55 -12.39 -10.22
C GLU K 64 6.47 -11.73 -9.38
N ARG K 65 5.51 -12.54 -8.93
CA ARG K 65 4.41 -12.05 -8.11
C ARG K 65 4.64 -12.40 -6.65
N LEU K 66 4.40 -11.44 -5.77
CA LEU K 66 4.59 -11.65 -4.34
C LEU K 66 3.53 -12.60 -3.80
N THR K 67 3.96 -13.70 -3.20
CA THR K 67 3.07 -14.66 -2.57
C THR K 67 3.44 -14.77 -1.10
N MET K 68 2.46 -14.64 -0.23
CA MET K 68 2.70 -14.71 1.20
C MET K 68 3.01 -16.15 1.62
N GLN K 69 3.73 -16.28 2.73
CA GLN K 69 4.15 -17.59 3.21
C GLN K 69 2.94 -18.46 3.55
N VAL K 70 2.97 -19.71 3.09
CA VAL K 70 1.88 -20.64 3.36
C VAL K 70 2.10 -21.44 4.64
N SER K 71 3.26 -21.28 5.30
CA SER K 71 3.58 -21.99 6.53
C SER K 71 3.58 -23.49 6.31
N SER K 72 3.67 -24.24 7.43
CA SER K 72 3.68 -25.72 7.37
C SER K 72 2.71 -26.29 8.41
N LEU K 73 1.94 -27.32 8.02
CA LEU K 73 0.95 -27.95 8.93
C LEU K 73 1.00 -29.47 8.75
N GLN K 74 0.67 -30.23 9.81
CA GLN K 74 0.67 -31.71 9.76
C GLN K 74 -0.66 -32.24 10.29
N ARG K 75 -1.25 -33.26 9.64
CA ARG K 75 -2.58 -33.73 10.10
C ARG K 75 -2.47 -35.03 10.90
N GLU K 76 -1.82 -36.05 10.33
CA GLU K 76 -1.65 -37.36 11.01
C GLU K 76 -0.20 -37.81 10.87
N PRO K 77 0.72 -37.14 11.57
CA PRO K 77 2.13 -37.50 11.45
C PRO K 77 2.35 -38.94 11.95
N PHE K 78 1.76 -39.30 13.10
CA PHE K 78 1.89 -40.67 13.67
C PHE K 78 3.39 -41.03 13.73
N THR K 79 4.21 -40.15 14.31
CA THR K 79 5.68 -40.37 14.28
C THR K 79 6.24 -40.84 15.63
N ILE K 80 6.94 -41.97 15.58
CA ILE K 80 7.69 -42.57 16.68
C ILE K 80 9.12 -42.78 16.21
N ALA K 81 10.00 -41.84 16.51
CA ALA K 81 11.44 -41.99 16.30
C ALA K 81 11.94 -43.18 17.13
N GLN K 82 12.29 -44.28 16.45
CA GLN K 82 12.70 -45.53 17.09
C GLN K 82 14.15 -45.40 17.61
N GLY K 83 14.33 -45.61 18.91
CA GLY K 83 15.64 -45.62 19.57
C GLY K 83 16.29 -47.00 19.65
N LYS K 84 17.53 -47.02 20.18
CA LYS K 84 18.45 -48.17 20.26
C LYS K 84 18.13 -49.12 21.43
N GLY K 85 16.86 -49.45 21.68
CA GLY K 85 16.43 -50.23 22.85
C GLY K 85 15.13 -51.01 22.62
N GLN K 86 14.68 -51.74 23.64
CA GLN K 86 13.47 -52.56 23.54
C GLN K 86 12.21 -51.71 23.75
N LYS K 87 11.10 -52.04 23.07
CA LYS K 87 9.83 -51.31 23.25
C LYS K 87 9.27 -51.52 24.65
N LEU K 88 8.76 -50.47 25.28
CA LEU K 88 8.14 -50.55 26.62
C LEU K 88 6.94 -51.51 26.71
N CYS K 89 6.32 -51.86 25.57
CA CYS K 89 5.25 -52.85 25.48
C CYS K 89 5.75 -54.31 25.51
N GLU K 90 6.97 -54.59 25.06
CA GLU K 90 7.56 -55.93 25.06
C GLU K 90 8.11 -56.31 26.44
N ILE K 91 8.57 -55.31 27.21
CA ILE K 91 9.00 -55.50 28.59
C ILE K 91 7.73 -55.72 29.44
N GLU K 92 7.29 -56.98 29.58
CA GLU K 92 6.04 -57.41 30.24
C GLU K 92 5.72 -56.63 31.52
N ARG K 93 6.74 -56.42 32.35
CA ARG K 93 6.63 -55.77 33.66
C ARG K 93 6.31 -54.28 33.54
N ILE K 94 6.92 -53.59 32.59
CA ILE K 94 6.62 -52.19 32.29
C ILE K 94 5.25 -52.10 31.62
N HIS K 95 4.90 -53.01 30.69
CA HIS K 95 3.55 -53.10 30.14
C HIS K 95 2.48 -53.31 31.24
N PHE K 96 2.75 -54.16 32.23
CA PHE K 96 1.89 -54.38 33.40
C PHE K 96 1.73 -53.11 34.25
N PHE K 97 2.82 -52.41 34.60
CA PHE K 97 2.73 -51.13 35.32
C PHE K 97 2.01 -50.05 34.48
N LEU K 98 2.31 -49.93 33.19
CA LEU K 98 1.66 -49.04 32.23
C LEU K 98 0.15 -49.30 32.12
N SER K 99 -0.29 -50.56 32.24
CA SER K 99 -1.70 -50.93 32.27
C SER K 99 -2.44 -50.53 33.55
N LYS K 100 -1.73 -50.37 34.67
CA LYS K 100 -2.27 -50.09 36.02
C LYS K 100 -2.16 -48.63 36.45
N LYS K 101 -1.51 -47.77 35.66
CA LYS K 101 -1.25 -46.36 36.02
C LYS K 101 -2.35 -45.45 35.50
N LYS K 102 -2.59 -44.34 36.22
CA LYS K 102 -3.62 -43.37 35.87
C LYS K 102 -3.21 -42.57 34.62
N THR K 103 -4.20 -41.97 33.98
CA THR K 103 -4.05 -41.15 32.78
C THR K 103 -3.08 -39.98 32.98
N ASP K 104 -2.95 -39.43 34.18
CA ASP K 104 -2.10 -38.25 34.43
C ASP K 104 -0.61 -38.59 34.43
N GLU K 105 -0.17 -39.68 35.06
CA GLU K 105 1.18 -40.22 34.88
C GLU K 105 1.51 -40.47 33.40
N LEU K 106 0.57 -41.05 32.66
CA LEU K 106 0.72 -41.30 31.22
C LEU K 106 0.81 -39.99 30.41
N ARG K 107 0.08 -38.96 30.82
CA ARG K 107 0.13 -37.64 30.14
C ARG K 107 1.52 -37.02 30.36
N ASN K 108 2.00 -37.05 31.61
CA ASN K 108 3.31 -36.50 31.99
C ASN K 108 4.45 -37.25 31.29
N LEU K 109 4.36 -38.59 31.19
CA LEU K 109 5.33 -39.40 30.47
C LEU K 109 5.28 -39.14 28.95
N HIS K 110 4.12 -39.03 28.33
CA HIS K 110 4.00 -38.66 26.91
C HIS K 110 4.56 -37.25 26.62
N LYS K 111 4.34 -36.29 27.52
CA LYS K 111 4.96 -34.94 27.46
C LYS K 111 6.49 -35.03 27.60
N LEU K 112 7.02 -35.91 28.45
CA LEU K 112 8.45 -36.12 28.59
C LEU K 112 9.08 -36.78 27.34
N LEU K 113 8.45 -37.82 26.79
CA LEU K 113 8.97 -38.57 25.65
C LEU K 113 8.90 -37.71 24.37
N TYR K 114 7.70 -37.28 23.99
CA TYR K 114 7.42 -36.71 22.66
C TYR K 114 7.19 -35.19 22.67
N ASN K 115 7.37 -34.51 23.81
CA ASN K 115 7.14 -33.06 23.98
C ASN K 115 5.72 -32.55 23.61
N ARG K 116 4.79 -33.47 23.35
CA ARG K 116 3.43 -33.25 22.82
C ARG K 116 2.40 -33.74 23.85
N PRO K 117 1.25 -33.06 24.06
CA PRO K 117 0.15 -33.63 24.83
C PRO K 117 -0.48 -34.80 24.04
N GLY K 118 -0.64 -35.96 24.67
CA GLY K 118 -1.21 -37.14 24.03
C GLY K 118 -2.72 -37.29 24.26
N THR K 119 -3.47 -37.62 23.21
CA THR K 119 -4.90 -38.01 23.29
C THR K 119 -5.05 -39.28 24.13
N VAL K 120 -6.00 -39.33 25.07
CA VAL K 120 -6.13 -40.39 26.09
C VAL K 120 -6.11 -41.81 25.52
N SER K 121 -6.77 -42.05 24.37
CA SER K 121 -6.76 -43.38 23.70
C SER K 121 -5.38 -43.74 23.12
N SER K 122 -4.75 -42.81 22.39
CA SER K 122 -3.41 -42.98 21.82
C SER K 122 -2.32 -43.10 22.90
N LEU K 123 -2.51 -42.41 24.03
CA LEU K 123 -1.52 -42.21 25.09
C LEU K 123 -0.81 -43.50 25.55
N LYS K 124 -1.59 -44.57 25.81
CA LYS K 124 -1.04 -45.87 26.23
C LYS K 124 -0.28 -46.58 25.08
N LYS K 125 -0.79 -46.50 23.84
CA LYS K 125 -0.12 -47.06 22.65
C LYS K 125 1.20 -46.33 22.37
N ASN K 126 1.17 -45.00 22.39
CA ASN K 126 2.31 -44.12 22.12
C ASN K 126 3.46 -44.31 23.11
N VAL K 127 3.15 -44.50 24.40
CA VAL K 127 4.18 -44.81 25.42
C VAL K 127 4.67 -46.25 25.28
N GLY K 128 3.79 -47.22 25.01
CA GLY K 128 4.20 -48.63 24.82
C GLY K 128 5.13 -48.87 23.62
N GLN K 129 4.96 -48.10 22.54
CA GLN K 129 5.80 -48.19 21.34
C GLN K 129 7.14 -47.43 21.45
N PHE K 130 7.41 -46.73 22.56
CA PHE K 130 8.72 -46.07 22.76
C PHE K 130 9.82 -47.13 22.93
N SER K 131 10.87 -47.05 22.12
CA SER K 131 12.02 -47.97 22.10
C SER K 131 13.34 -47.34 22.58
N GLY K 132 13.25 -46.27 23.37
CA GLY K 132 14.41 -45.45 23.77
C GLY K 132 14.56 -44.20 22.91
N PHE K 133 15.48 -43.32 23.28
CA PHE K 133 15.84 -42.17 22.46
C PHE K 133 16.93 -42.53 21.43
N PRO K 134 16.92 -41.93 20.22
CA PRO K 134 17.95 -42.18 19.21
C PRO K 134 19.26 -41.39 19.44
N PHE K 135 19.30 -40.47 20.41
CA PHE K 135 20.46 -39.64 20.73
C PHE K 135 21.33 -40.21 21.87
N GLU K 136 22.59 -39.79 21.92
CA GLU K 136 23.57 -40.26 22.90
C GLU K 136 23.77 -39.30 24.10
N LYS K 137 24.37 -39.82 25.17
CA LYS K 137 24.75 -39.08 26.38
C LYS K 137 25.61 -37.85 26.02
N GLY K 138 25.17 -36.66 26.44
CA GLY K 138 25.85 -35.39 26.15
C GLY K 138 25.29 -34.58 24.98
N SER K 139 24.47 -35.17 24.11
CA SER K 139 23.76 -34.43 23.05
C SER K 139 22.92 -33.26 23.61
N VAL K 140 22.68 -32.22 22.80
CA VAL K 140 21.76 -31.12 23.16
C VAL K 140 20.37 -31.63 23.55
N GLN K 141 19.91 -32.74 22.95
CA GLN K 141 18.64 -33.38 23.30
C GLN K 141 18.70 -34.03 24.69
N TYR K 142 19.82 -34.69 25.04
CA TYR K 142 20.05 -35.27 26.36
C TYR K 142 20.00 -34.18 27.46
N LYS K 143 20.72 -33.07 27.28
CA LYS K 143 20.69 -31.92 28.21
C LYS K 143 19.27 -31.35 28.36
N LYS K 144 18.57 -31.15 27.24
CA LYS K 144 17.18 -30.64 27.22
C LYS K 144 16.18 -31.58 27.91
N LYS K 145 16.35 -32.91 27.82
CA LYS K 145 15.57 -33.86 28.62
C LYS K 145 15.96 -33.81 30.10
N GLU K 146 17.25 -33.76 30.44
CA GLU K 146 17.71 -33.68 31.83
C GLU K 146 17.13 -32.47 32.58
N GLU K 147 17.09 -31.29 31.94
CA GLU K 147 16.41 -30.11 32.50
C GLU K 147 14.91 -30.30 32.71
N MET K 148 14.22 -30.92 31.74
CA MET K 148 12.79 -31.22 31.86
C MET K 148 12.54 -32.19 33.03
N LEU K 149 13.44 -33.14 33.28
CA LEU K 149 13.39 -34.00 34.46
C LEU K 149 13.64 -33.23 35.76
N LYS K 150 14.64 -32.34 35.81
CA LYS K 150 14.91 -31.48 36.99
C LYS K 150 13.72 -30.57 37.33
N LYS K 151 12.95 -30.15 36.32
CA LYS K 151 11.74 -29.31 36.46
C LYS K 151 10.48 -30.11 36.89
N PHE K 152 10.52 -31.45 36.96
CA PHE K 152 9.38 -32.23 37.47
C PHE K 152 9.37 -32.36 39.00
N ARG K 153 8.17 -32.27 39.59
CA ARG K 153 7.97 -32.45 41.04
C ARG K 153 8.42 -33.87 41.46
N ASN K 154 9.09 -33.99 42.60
CA ASN K 154 9.59 -35.26 43.15
C ASN K 154 8.56 -36.41 43.15
N ALA K 155 7.28 -36.12 43.42
CA ALA K 155 6.21 -37.12 43.36
C ALA K 155 5.98 -37.68 41.93
N MET K 156 6.11 -36.82 40.91
CA MET K 156 5.96 -37.21 39.50
C MET K 156 7.15 -38.03 39.01
N LEU K 157 8.37 -37.69 39.44
CA LEU K 157 9.56 -38.53 39.20
C LEU K 157 9.39 -39.92 39.85
N LYS K 158 8.90 -39.99 41.09
CA LYS K 158 8.60 -41.27 41.76
C LYS K 158 7.50 -42.07 41.04
N SER K 159 6.47 -41.41 40.50
CA SER K 159 5.47 -42.07 39.65
C SER K 159 6.06 -42.57 38.32
N ILE K 160 6.95 -41.81 37.67
CA ILE K 160 7.63 -42.23 36.43
C ILE K 160 8.56 -43.42 36.71
N CYS K 161 9.34 -43.40 37.79
CA CYS K 161 10.13 -44.56 38.22
C CYS K 161 9.25 -45.81 38.38
N GLU K 162 8.09 -45.69 39.00
CA GLU K 162 7.16 -46.81 39.17
C GLU K 162 6.54 -47.32 37.85
N VAL K 163 6.36 -46.47 36.83
CA VAL K 163 5.97 -46.92 35.48
C VAL K 163 7.08 -47.74 34.83
N LEU K 164 8.34 -47.32 35.01
CA LEU K 164 9.53 -47.87 34.33
C LEU K 164 10.25 -49.00 35.13
N ASP K 165 9.64 -49.54 36.18
CA ASP K 165 10.24 -50.49 37.15
C ASP K 165 11.57 -50.03 37.80
N LEU K 166 11.77 -48.71 37.89
CA LEU K 166 12.90 -48.11 38.57
C LEU K 166 12.61 -47.92 40.06
N GLU K 167 13.65 -47.97 40.87
CA GLU K 167 13.54 -47.80 42.31
C GLU K 167 13.12 -46.37 42.67
N ARG K 168 12.10 -46.25 43.54
CA ARG K 168 11.51 -44.97 43.97
C ARG K 168 12.32 -44.24 45.06
N SER K 169 13.42 -44.84 45.51
CA SER K 169 14.30 -44.36 46.58
C SER K 169 15.38 -43.41 46.04
N GLY K 170 16.00 -42.64 46.94
CA GLY K 170 17.13 -41.75 46.65
C GLY K 170 16.77 -40.29 46.33
N VAL K 171 17.82 -39.52 46.03
CA VAL K 171 17.76 -38.05 45.84
C VAL K 171 17.17 -37.71 44.46
N ASN K 172 16.57 -36.52 44.31
CA ASN K 172 16.03 -36.01 43.04
C ASN K 172 17.01 -36.25 41.86
N SER K 173 18.24 -35.77 41.99
CA SER K 173 19.30 -35.94 40.99
C SER K 173 19.61 -37.39 40.61
N GLU K 174 19.41 -38.35 41.52
CA GLU K 174 19.56 -39.78 41.21
C GLU K 174 18.35 -40.34 40.47
N LEU K 175 17.12 -39.97 40.87
CA LEU K 175 15.91 -40.34 40.14
C LEU K 175 16.00 -39.82 38.70
N VAL K 176 16.44 -38.57 38.51
CA VAL K 176 16.73 -37.97 37.20
C VAL K 176 17.74 -38.81 36.42
N LYS K 177 18.92 -39.11 37.00
CA LYS K 177 19.95 -39.94 36.35
C LYS K 177 19.45 -41.34 36.00
N ARG K 178 18.72 -42.02 36.89
CA ARG K 178 18.20 -43.38 36.69
C ARG K 178 17.13 -43.44 35.61
N ILE K 179 16.18 -42.49 35.59
CA ILE K 179 15.20 -42.38 34.51
C ILE K 179 15.90 -42.06 33.18
N LEU K 180 16.85 -41.12 33.15
CA LEU K 180 17.50 -40.69 31.91
C LEU K 180 18.35 -41.81 31.27
N ASN K 181 19.09 -42.59 32.08
CA ASN K 181 19.80 -43.79 31.60
C ASN K 181 18.82 -44.84 31.05
N PHE K 182 17.69 -45.07 31.73
CA PHE K 182 16.66 -46.00 31.26
C PHE K 182 15.99 -45.54 29.95
N LEU K 183 15.79 -44.23 29.75
CA LEU K 183 15.19 -43.69 28.53
C LEU K 183 16.16 -43.66 27.33
N MET K 184 17.48 -43.77 27.54
CA MET K 184 18.43 -44.04 26.47
C MET K 184 18.35 -45.50 26.01
N HIS K 185 18.49 -46.44 26.95
CA HIS K 185 18.42 -47.87 26.69
C HIS K 185 17.40 -48.53 27.63
N PRO K 186 16.12 -48.60 27.23
CA PRO K 186 15.13 -49.37 27.97
C PRO K 186 15.51 -50.85 27.91
N LYS K 187 16.03 -51.36 29.03
CA LYS K 187 16.43 -52.76 29.22
C LYS K 187 15.36 -53.50 30.02
N PRO K 188 14.99 -54.74 29.67
CA PRO K 188 14.15 -55.56 30.54
C PRO K 188 14.88 -55.80 31.86
N SER K 189 14.30 -55.40 32.99
CA SER K 189 15.00 -55.49 34.29
C SER K 189 15.22 -56.92 34.80
N LEU L 52 -21.97 34.60 -6.44
CA LEU L 52 -20.72 33.87 -6.63
C LEU L 52 -19.69 34.30 -5.59
N ILE L 53 -19.61 35.60 -5.35
CA ILE L 53 -18.68 36.13 -4.37
C ILE L 53 -19.15 35.75 -2.96
N VAL L 54 -18.23 35.22 -2.16
CA VAL L 54 -18.55 34.79 -0.81
C VAL L 54 -17.93 35.76 0.19
N GLU L 55 -18.41 35.70 1.43
CA GLU L 55 -17.99 36.58 2.50
C GLU L 55 -17.16 35.83 3.51
N GLY L 56 -16.10 36.47 3.98
CA GLY L 56 -15.30 35.93 5.07
C GLY L 56 -14.34 34.84 4.65
N LYS L 57 -13.71 34.25 5.66
CA LYS L 57 -12.73 33.20 5.45
C LYS L 57 -13.42 31.87 5.16
N ARG L 58 -12.64 30.91 4.70
CA ARG L 58 -13.10 29.55 4.52
C ARG L 58 -13.05 28.80 5.84
N GLU L 59 -13.77 27.69 5.90
CA GLU L 59 -13.77 26.85 7.09
C GLU L 59 -12.62 25.85 6.97
N LYS L 60 -11.76 25.80 7.98
CA LYS L 60 -10.63 24.90 7.99
C LYS L 60 -10.99 23.59 8.69
N LYS L 61 -10.63 22.48 8.05
CA LYS L 61 -10.94 21.15 8.56
C LYS L 61 -9.67 20.43 8.96
N LYS L 62 -9.82 19.47 9.86
CA LYS L 62 -8.70 18.69 10.37
C LYS L 62 -8.55 17.40 9.57
N VAL L 63 -7.33 16.87 9.56
CA VAL L 63 -7.02 15.63 8.87
C VAL L 63 -7.25 14.47 9.83
N GLU L 64 -7.91 13.42 9.34
CA GLU L 64 -8.17 12.23 10.13
C GLU L 64 -7.15 11.16 9.78
N ARG L 65 -6.49 10.62 10.80
CA ARG L 65 -5.45 9.61 10.62
C ARG L 65 -5.96 8.25 11.07
N LEU L 66 -5.55 7.22 10.35
CA LEU L 66 -6.03 5.88 10.63
C LEU L 66 -5.36 5.31 11.88
N THR L 67 -6.17 4.76 12.79
CA THR L 67 -5.69 4.10 13.98
C THR L 67 -6.30 2.71 14.03
N MET L 68 -5.49 1.72 14.40
CA MET L 68 -5.90 0.31 14.37
C MET L 68 -6.19 -0.17 15.79
N GLN L 69 -7.45 -0.18 16.21
CA GLN L 69 -7.81 -0.45 17.64
C GLN L 69 -7.23 -1.77 18.18
N VAL L 70 -6.55 -1.67 19.34
CA VAL L 70 -5.88 -2.78 20.11
C VAL L 70 -6.88 -3.72 20.80
N SER L 71 -7.90 -3.18 21.48
CA SER L 71 -8.89 -4.03 22.18
C SER L 71 -8.15 -4.96 23.16
N SER L 72 -7.18 -4.40 23.91
CA SER L 72 -6.35 -5.16 24.87
C SER L 72 -6.33 -4.48 26.24
N LEU L 73 -5.91 -5.22 27.28
CA LEU L 73 -5.80 -4.74 28.68
C LEU L 73 -7.18 -4.32 29.20
N GLN L 74 -7.29 -3.07 29.68
CA GLN L 74 -8.58 -2.53 30.23
C GLN L 74 -9.07 -3.44 31.36
N ARG L 75 -8.15 -3.82 32.26
CA ARG L 75 -8.34 -4.65 33.48
C ARG L 75 -8.39 -6.15 33.15
N GLU L 76 -8.58 -6.99 34.17
CA GLU L 76 -8.63 -8.46 34.01
C GLU L 76 -10.00 -8.99 34.43
N PRO L 77 -10.61 -9.85 33.60
CA PRO L 77 -11.93 -10.44 33.87
C PRO L 77 -11.82 -11.81 34.55
N PHE L 78 -10.60 -12.21 34.93
CA PHE L 78 -10.37 -13.53 35.56
C PHE L 78 -11.16 -13.63 36.87
N THR L 79 -11.17 -12.56 37.67
CA THR L 79 -11.93 -12.56 38.95
C THR L 79 -13.42 -12.69 38.62
N ILE L 80 -14.16 -13.50 39.38
CA ILE L 80 -15.62 -13.68 39.07
C ILE L 80 -16.46 -12.84 40.02
N ALA L 81 -17.67 -12.48 39.61
CA ALA L 81 -18.59 -11.64 40.43
C ALA L 81 -18.96 -12.36 41.73
N GLN L 82 -19.06 -11.58 42.81
CA GLN L 82 -19.42 -12.06 44.14
C GLN L 82 -20.90 -12.47 44.16
N GLY L 83 -21.17 -13.73 44.50
CA GLY L 83 -22.52 -14.28 44.65
C GLY L 83 -23.08 -14.19 46.07
N LYS L 84 -24.35 -14.60 46.21
CA LYS L 84 -25.19 -14.51 47.43
C LYS L 84 -24.89 -15.61 48.47
N GLY L 85 -23.63 -15.93 48.73
CA GLY L 85 -23.23 -17.05 49.58
C GLY L 85 -21.87 -16.87 50.26
N GLN L 86 -21.46 -17.86 51.06
CA GLN L 86 -20.19 -17.80 51.78
C GLN L 86 -19.00 -18.18 50.88
N LYS L 87 -17.83 -17.56 51.06
CA LYS L 87 -16.63 -17.92 50.29
C LYS L 87 -16.17 -19.34 50.60
N LEU L 88 -15.79 -20.10 49.57
CA LEU L 88 -15.27 -21.47 49.74
C LEU L 88 -14.01 -21.57 50.62
N CYS L 89 -13.29 -20.47 50.82
CA CYS L 89 -12.14 -20.38 51.73
C CYS L 89 -12.53 -20.24 53.21
N GLU L 90 -13.70 -19.67 53.53
CA GLU L 90 -14.19 -19.49 54.91
C GLU L 90 -14.81 -20.79 55.44
N ILE L 91 -15.41 -21.59 54.56
CA ILE L 91 -15.92 -22.92 54.90
C ILE L 91 -14.71 -23.85 55.11
N GLU L 92 -14.20 -23.91 56.35
CA GLU L 92 -12.97 -24.64 56.76
C GLU L 92 -12.81 -26.00 56.09
N ARG L 93 -13.90 -26.76 56.02
CA ARG L 93 -13.94 -28.12 55.49
C ARG L 93 -13.73 -28.17 53.98
N ILE L 94 -14.30 -27.22 53.25
CA ILE L 94 -14.07 -27.08 51.80
C ILE L 94 -12.67 -26.54 51.57
N HIS L 95 -12.19 -25.57 52.36
CA HIS L 95 -10.80 -25.13 52.30
C HIS L 95 -9.80 -26.29 52.55
N PHE L 96 -10.09 -27.18 53.51
CA PHE L 96 -9.30 -28.39 53.78
C PHE L 96 -9.31 -29.36 52.59
N PHE L 97 -10.47 -29.67 51.99
CA PHE L 97 -10.52 -30.50 50.79
C PHE L 97 -9.82 -29.84 49.59
N LEU L 98 -10.02 -28.53 49.38
CA LEU L 98 -9.37 -27.72 48.35
C LEU L 98 -7.84 -27.72 48.51
N SER L 99 -7.32 -27.77 49.74
CA SER L 99 -5.89 -27.88 50.02
C SER L 99 -5.28 -29.25 49.70
N LYS L 100 -6.10 -30.31 49.69
CA LYS L 100 -5.68 -31.72 49.50
C LYS L 100 -5.92 -32.27 48.10
N LYS L 101 -6.58 -31.51 47.21
CA LYS L 101 -6.96 -31.97 45.87
C LYS L 101 -5.89 -31.62 44.83
N LYS L 102 -5.78 -32.46 43.80
CA LYS L 102 -4.81 -32.28 42.72
C LYS L 102 -5.18 -31.08 41.84
N THR L 103 -4.18 -30.57 41.13
CA THR L 103 -4.30 -29.45 40.20
C THR L 103 -5.36 -29.66 39.12
N ASP L 104 -5.63 -30.89 38.70
CA ASP L 104 -6.56 -31.18 37.61
C ASP L 104 -8.03 -31.03 38.04
N GLU L 105 -8.43 -31.51 39.21
CA GLU L 105 -9.73 -31.18 39.81
C GLU L 105 -9.92 -29.66 39.94
N LEU L 106 -8.88 -28.94 40.38
CA LEU L 106 -8.91 -27.48 40.51
C LEU L 106 -9.03 -26.78 39.14
N ARG L 107 -8.38 -27.29 38.08
CA ARG L 107 -8.51 -26.79 36.69
C ARG L 107 -9.94 -26.96 36.17
N ASN L 108 -10.52 -28.14 36.39
CA ASN L 108 -11.88 -28.45 35.98
C ASN L 108 -12.91 -27.60 36.73
N LEU L 109 -12.72 -27.39 38.04
CA LEU L 109 -13.57 -26.52 38.84
C LEU L 109 -13.42 -25.04 38.43
N HIS L 110 -12.21 -24.53 38.20
CA HIS L 110 -12.02 -23.16 37.68
C HIS L 110 -12.65 -22.96 36.30
N LYS L 111 -12.57 -23.96 35.41
CA LYS L 111 -13.28 -23.97 34.12
C LYS L 111 -14.80 -23.96 34.30
N LEU L 112 -15.34 -24.68 35.29
CA LEU L 112 -16.77 -24.68 35.61
C LEU L 112 -17.23 -23.33 36.17
N LEU L 113 -16.49 -22.75 37.12
CA LEU L 113 -16.86 -21.49 37.79
C LEU L 113 -16.77 -20.31 36.82
N TYR L 114 -15.57 -20.06 36.28
CA TYR L 114 -15.22 -18.83 35.58
C TYR L 114 -15.10 -19.00 34.05
N ASN L 115 -15.42 -20.18 33.48
CA ASN L 115 -15.32 -20.49 32.05
C ASN L 115 -13.91 -20.28 31.42
N ARG L 116 -12.89 -19.98 32.24
CA ARG L 116 -11.53 -19.74 31.70
C ARG L 116 -10.49 -20.61 32.42
N PRO L 117 -9.47 -21.06 31.69
CA PRO L 117 -8.39 -21.86 32.26
C PRO L 117 -7.61 -21.03 33.29
N GLY L 118 -7.42 -21.57 34.50
CA GLY L 118 -6.71 -20.88 35.58
C GLY L 118 -5.22 -21.23 35.66
N THR L 119 -4.37 -20.21 35.83
CA THR L 119 -2.94 -20.38 36.14
C THR L 119 -2.76 -21.11 37.47
N VAL L 120 -1.88 -22.11 37.54
CA VAL L 120 -1.76 -23.05 38.68
C VAL L 120 -1.63 -22.35 40.05
N SER L 121 -0.87 -21.26 40.14
CA SER L 121 -0.74 -20.47 41.38
C SER L 121 -2.03 -19.74 41.78
N SER L 122 -2.67 -19.05 40.83
CA SER L 122 -3.95 -18.36 41.04
C SER L 122 -5.10 -19.33 41.32
N LEU L 123 -5.05 -20.52 40.73
CA LEU L 123 -6.12 -21.51 40.69
C LEU L 123 -6.77 -21.79 42.06
N LYS L 124 -5.96 -22.02 43.10
CA LYS L 124 -6.44 -22.27 44.47
C LYS L 124 -7.05 -21.01 45.11
N LYS L 125 -6.46 -19.83 44.89
CA LYS L 125 -6.99 -18.54 45.37
C LYS L 125 -8.34 -18.22 44.71
N ASN L 126 -8.41 -18.35 43.39
CA ASN L 126 -9.57 -18.06 42.55
C ASN L 126 -10.78 -18.94 42.91
N VAL L 127 -10.56 -20.23 43.20
CA VAL L 127 -11.63 -21.13 43.67
C VAL L 127 -12.01 -20.82 45.12
N GLY L 128 -11.06 -20.53 46.01
CA GLY L 128 -11.34 -20.20 47.41
C GLY L 128 -12.16 -18.90 47.59
N GLN L 129 -11.96 -17.91 46.71
CA GLN L 129 -12.69 -16.64 46.74
C GLN L 129 -14.09 -16.70 46.08
N PHE L 130 -14.50 -17.84 45.51
CA PHE L 130 -15.85 -17.99 44.97
C PHE L 130 -16.89 -17.97 46.10
N SER L 131 -17.89 -17.08 46.01
CA SER L 131 -18.96 -16.89 47.00
C SER L 131 -20.35 -17.30 46.50
N GLY L 132 -20.40 -18.19 45.51
CA GLY L 132 -21.63 -18.57 44.80
C GLY L 132 -21.81 -17.81 43.49
N PHE L 133 -22.82 -18.18 42.70
CA PHE L 133 -23.20 -17.44 41.51
C PHE L 133 -24.18 -16.29 41.84
N PRO L 134 -24.11 -15.14 41.14
CA PRO L 134 -25.04 -14.03 41.35
C PRO L 134 -26.41 -14.22 40.68
N PHE L 135 -26.59 -15.26 39.85
CA PHE L 135 -27.84 -15.56 39.13
C PHE L 135 -28.74 -16.56 39.86
N GLU L 136 -30.03 -16.54 39.53
CA GLU L 136 -31.05 -17.39 40.15
C GLU L 136 -31.40 -18.65 39.31
N LYS L 137 -32.06 -19.62 39.98
CA LYS L 137 -32.58 -20.85 39.37
C LYS L 137 -33.49 -20.53 38.17
N GLY L 138 -33.18 -21.08 37.01
CA GLY L 138 -33.93 -20.86 35.77
C GLY L 138 -33.33 -19.81 34.81
N SER L 139 -32.40 -18.97 35.26
CA SER L 139 -31.66 -18.03 34.38
C SER L 139 -30.95 -18.77 33.22
N VAL L 140 -30.73 -18.09 32.09
CA VAL L 140 -29.92 -18.61 30.98
C VAL L 140 -28.53 -19.08 31.44
N GLN L 141 -27.95 -18.41 32.45
CA GLN L 141 -26.68 -18.81 33.03
C GLN L 141 -26.79 -20.13 33.82
N TYR L 142 -27.88 -20.32 34.57
CA TYR L 142 -28.18 -21.57 35.29
C TYR L 142 -28.28 -22.75 34.32
N LYS L 143 -29.07 -22.62 33.23
CA LYS L 143 -29.20 -23.64 32.18
C LYS L 143 -27.84 -23.96 31.53
N LYS L 144 -27.06 -22.93 31.19
CA LYS L 144 -25.72 -23.07 30.59
C LYS L 144 -24.71 -23.75 31.52
N LYS L 145 -24.78 -23.54 32.84
CA LYS L 145 -23.99 -24.31 33.82
C LYS L 145 -24.51 -25.75 33.93
N GLU L 146 -25.81 -25.98 33.99
CA GLU L 146 -26.40 -27.33 34.08
C GLU L 146 -25.96 -28.23 32.91
N GLU L 147 -25.96 -27.71 31.67
CA GLU L 147 -25.41 -28.42 30.51
C GLU L 147 -23.91 -28.73 30.63
N MET L 148 -23.11 -27.78 31.11
CA MET L 148 -21.67 -28.00 31.33
C MET L 148 -21.44 -29.08 32.37
N LEU L 149 -22.30 -29.17 33.41
CA LEU L 149 -22.27 -30.27 34.38
C LEU L 149 -22.68 -31.61 33.73
N LYS L 150 -23.75 -31.66 32.93
CA LYS L 150 -24.16 -32.88 32.20
C LYS L 150 -23.07 -33.41 31.25
N LYS L 151 -22.25 -32.50 30.68
CA LYS L 151 -21.12 -32.81 29.79
C LYS L 151 -19.85 -33.27 30.54
N PHE L 152 -19.79 -33.23 31.88
CA PHE L 152 -18.66 -33.75 32.64
C PHE L 152 -18.75 -35.26 32.90
N ARG L 153 -17.61 -35.97 32.80
CA ARG L 153 -17.51 -37.40 33.11
C ARG L 153 -17.89 -37.66 34.57
N ASN L 154 -18.65 -38.73 34.85
CA ASN L 154 -19.09 -39.12 36.20
C ASN L 154 -17.98 -39.10 37.28
N ALA L 155 -16.76 -39.50 36.93
CA ALA L 155 -15.61 -39.44 37.84
C ALA L 155 -15.23 -37.99 38.24
N MET L 156 -15.34 -37.04 37.32
CA MET L 156 -15.05 -35.63 37.55
C MET L 156 -16.14 -34.97 38.40
N LEU L 157 -17.42 -35.32 38.19
CA LEU L 157 -18.51 -34.91 39.06
C LEU L 157 -18.30 -35.44 40.49
N LYS L 158 -17.91 -36.71 40.65
CA LYS L 158 -17.56 -37.28 41.97
C LYS L 158 -16.36 -36.59 42.63
N SER L 159 -15.34 -36.20 41.86
CA SER L 159 -14.23 -35.37 42.36
C SER L 159 -14.67 -33.96 42.78
N ILE L 160 -15.57 -33.31 42.02
CA ILE L 160 -16.12 -31.99 42.36
C ILE L 160 -16.99 -32.08 43.63
N CYS L 161 -17.84 -33.10 43.76
CA CYS L 161 -18.57 -33.35 45.00
C CYS L 161 -17.63 -33.47 46.21
N GLU L 162 -16.52 -34.19 46.07
CA GLU L 162 -15.54 -34.34 47.15
C GLU L 162 -14.79 -33.04 47.49
N VAL L 163 -14.59 -32.12 46.53
CA VAL L 163 -14.06 -30.78 46.83
C VAL L 163 -15.06 -29.96 47.66
N LEU L 164 -16.35 -30.07 47.34
CA LEU L 164 -17.44 -29.25 47.90
C LEU L 164 -18.13 -29.87 49.14
N ASP L 165 -17.57 -30.93 49.73
CA ASP L 165 -18.18 -31.75 50.80
C ASP L 165 -19.59 -32.33 50.49
N LEU L 166 -19.88 -32.51 49.21
CA LEU L 166 -21.11 -33.15 48.75
C LEU L 166 -20.94 -34.66 48.67
N GLU L 167 -22.05 -35.37 48.87
CA GLU L 167 -22.06 -36.83 48.83
C GLU L 167 -21.77 -37.35 47.41
N ARG L 168 -20.84 -38.31 47.31
CA ARG L 168 -20.37 -38.90 46.04
C ARG L 168 -21.31 -39.98 45.48
N SER L 169 -22.40 -40.28 46.18
CA SER L 169 -23.39 -41.31 45.86
C SER L 169 -24.49 -40.77 44.94
N GLY L 170 -25.23 -41.68 44.30
CA GLY L 170 -26.39 -41.37 43.45
C GLY L 170 -26.12 -41.21 41.95
N VAL L 171 -27.18 -40.90 41.21
CA VAL L 171 -27.23 -40.83 39.74
C VAL L 171 -26.55 -39.56 39.23
N ASN L 172 -26.03 -39.57 38.00
CA ASN L 172 -25.42 -38.39 37.34
C ASN L 172 -26.29 -37.12 37.54
N SER L 173 -27.56 -37.18 37.15
CA SER L 173 -28.54 -36.09 37.28
C SER L 173 -28.70 -35.56 38.72
N GLU L 174 -28.50 -36.40 39.74
CA GLU L 174 -28.53 -35.94 41.14
C GLU L 174 -27.23 -35.26 41.55
N LEU L 175 -26.06 -35.80 41.14
CA LEU L 175 -24.77 -35.14 41.36
C LEU L 175 -24.78 -33.75 40.72
N VAL L 176 -25.30 -33.64 39.48
CA VAL L 176 -25.53 -32.37 38.78
C VAL L 176 -26.42 -31.43 39.61
N LYS L 177 -27.60 -31.88 40.03
CA LYS L 177 -28.52 -31.07 40.86
C LYS L 177 -27.90 -30.64 42.19
N ARG L 178 -27.20 -31.53 42.90
CA ARG L 178 -26.57 -31.26 44.21
C ARG L 178 -25.41 -30.26 44.08
N ILE L 179 -24.53 -30.41 43.09
CA ILE L 179 -23.48 -29.42 42.81
C ILE L 179 -24.10 -28.08 42.43
N LEU L 180 -25.11 -28.06 41.54
CA LEU L 180 -25.69 -26.80 41.04
C LEU L 180 -26.41 -26.01 42.15
N ASN L 181 -27.15 -26.67 43.04
CA ASN L 181 -27.73 -26.04 44.23
C ASN L 181 -26.63 -25.47 45.17
N PHE L 182 -25.55 -26.22 45.38
CA PHE L 182 -24.43 -25.75 46.19
C PHE L 182 -23.70 -24.56 45.57
N LEU L 183 -23.57 -24.50 44.24
CA LEU L 183 -22.91 -23.38 43.55
C LEU L 183 -23.79 -22.11 43.46
N MET L 184 -25.10 -22.21 43.68
CA MET L 184 -25.95 -21.03 43.92
C MET L 184 -25.73 -20.46 45.32
N HIS L 185 -25.89 -21.29 46.34
CA HIS L 185 -25.69 -20.92 47.74
C HIS L 185 -24.70 -21.86 48.42
N PRO L 186 -23.39 -21.58 48.37
CA PRO L 186 -22.40 -22.32 49.14
C PRO L 186 -22.68 -22.10 50.63
N LYS L 187 -23.24 -23.13 51.26
CA LYS L 187 -23.55 -23.16 52.70
C LYS L 187 -22.50 -23.98 53.44
N PRO L 188 -22.03 -23.56 54.62
CA PRO L 188 -21.19 -24.40 55.46
C PRO L 188 -22.02 -25.64 55.88
N SER L 189 -21.55 -26.85 55.55
CA SER L 189 -22.33 -28.07 55.80
C SER L 189 -22.49 -28.44 57.29
N GLY L 190 -21.94 -27.65 58.23
CA GLY L 190 -22.00 -27.87 59.70
C GLY L 190 -21.24 -29.11 60.21
N LYS L 191 -20.94 -30.08 59.35
CA LYS L 191 -20.26 -31.33 59.70
C LYS L 191 -18.83 -31.04 60.19
N PRO L 192 -18.47 -31.39 61.43
CA PRO L 192 -17.14 -31.10 61.99
C PRO L 192 -16.05 -31.72 61.11
N LEU L 193 -14.92 -31.04 60.94
CA LEU L 193 -13.81 -31.46 60.06
C LEU L 193 -13.51 -32.97 60.21
UNK UNX M . -9.93 37.57 -21.84
UNK UNX N . 17.83 16.65 -36.96
#